data_5EPM
#
_entry.id   5EPM
#
_cell.length_a   97.322
_cell.length_b   98.438
_cell.length_c   107.350
_cell.angle_alpha   90.000
_cell.angle_beta   90.000
_cell.angle_gamma   90.000
#
_symmetry.space_group_name_H-M   'P 21 21 21'
#
loop_
_entity.id
_entity.type
_entity.pdbx_description
1 polymer 'Antibody Fab fragment heavy chain'
2 polymer 'Antibody Fab fragment light chain'
3 polymer Beta-theraphotoxin-Cm1a
4 water water
#
loop_
_entity_poly.entity_id
_entity_poly.type
_entity_poly.pdbx_seq_one_letter_code
_entity_poly.pdbx_strand_id
1 'polypeptide(L)'
;(PCA)VQLQQPGAELLRPGASVKLSCKASGYTFTNFWMNWVKQRPGQGLELIGMIDPSDSETHYNQMFKDKATLTVDKSS
STAYMQLSSLTSEDSAVYYCARRDYYGILFDYWGQGTTVTVSSAKTTPPSVYPLAPGSAAQTNSMVTLGCLVKGYFPEPV
TVTWNSGSLSSGVHTFPAVLQSDLYTLSSSVTVPSSTWPSETVTCNVAHPASSTKVDKKIVPR
;
A,E
2 'polypeptide(L)'
;DVLMTQTPLSLPVSLGDQASISCRSSQSIVHNNGNTYIEWYLQKPGQSPKLLIYKVSNRFSGVPDRFSGSGSGTDFTLKI
SRVEAEDLGVYYCFQGSHVPFTFGSGTKLEIKRADAAPTVSIFPPSSEQLTSGGASVVCFLNNFYPKDINVKWKIDGSER
QNGVLNSWTDQDSKDSTYSMSSTLTLTKDEYERHNSYTCEATHKTSTSPIVKSFNRNE
;
B,F
3 'polypeptide(L)' DCLGMFKSCDPENDKCCKRLVCSRSHRWCKWKL C,D
#
# COMPACT_ATOMS: atom_id res chain seq x y z
N PCA A 1 32.53 16.41 -15.78
CA PCA A 1 32.53 14.99 -16.01
CB PCA A 1 33.90 14.52 -15.52
CG PCA A 1 34.40 15.63 -14.60
CD PCA A 1 33.45 16.76 -14.90
OE PCA A 1 33.54 17.86 -14.39
C PCA A 1 31.46 14.38 -15.16
O PCA A 1 31.35 14.64 -13.94
N VAL A 2 30.48 13.41 -15.73
CA VAL A 2 29.49 12.71 -14.88
C VAL A 2 30.24 11.78 -13.92
N GLN A 3 29.99 11.96 -12.62
CA GLN A 3 30.64 11.12 -11.61
C GLN A 3 29.63 10.76 -10.54
N LEU A 4 29.72 9.52 -10.08
CA LEU A 4 28.93 9.02 -8.97
C LEU A 4 29.93 8.56 -7.93
N GLN A 5 29.87 9.19 -6.75
N GLN A 5 29.90 9.20 -6.75
CA GLN A 5 30.81 8.90 -5.68
CA GLN A 5 30.84 8.93 -5.67
C GLN A 5 30.22 8.06 -4.57
C GLN A 5 30.24 8.07 -4.57
N GLN A 6 30.79 6.87 -4.40
CA GLN A 6 30.40 5.97 -3.32
C GLN A 6 31.60 5.71 -2.42
N PRO A 7 31.38 5.55 -1.09
CA PRO A 7 32.46 5.14 -0.19
C PRO A 7 32.95 3.76 -0.60
N GLY A 8 34.25 3.50 -0.42
CA GLY A 8 34.79 2.22 -0.82
C GLY A 8 34.27 1.02 -0.04
N ALA A 9 34.19 1.15 1.28
CA ALA A 9 33.89 -0.01 2.12
C ALA A 9 33.30 0.41 3.45
N GLU A 10 32.41 -0.44 3.96
CA GLU A 10 31.86 -0.25 5.29
C GLU A 10 31.71 -1.58 5.99
N LEU A 11 32.09 -1.58 7.27
CA LEU A 11 31.91 -2.72 8.16
C LEU A 11 30.72 -2.47 9.10
N LEU A 12 29.73 -3.34 9.04
CA LEU A 12 28.55 -3.24 9.90
C LEU A 12 28.33 -4.51 10.72
N ARG A 13 27.70 -4.36 11.87
CA ARG A 13 27.41 -5.49 12.74
C ARG A 13 26.11 -6.20 12.31
N PRO A 14 26.02 -7.53 12.50
CA PRO A 14 24.76 -8.22 12.21
C PRO A 14 23.62 -7.58 12.98
N GLY A 15 22.49 -7.38 12.30
CA GLY A 15 21.34 -6.78 12.94
C GLY A 15 21.28 -5.27 12.83
N ALA A 16 22.37 -4.63 12.42
CA ALA A 16 22.35 -3.18 12.23
C ALA A 16 21.68 -2.80 10.90
N SER A 17 21.51 -1.51 10.68
N SER A 17 21.52 -1.50 10.68
CA SER A 17 21.06 -1.02 9.38
CA SER A 17 21.05 -0.97 9.41
C SER A 17 22.16 -0.17 8.77
C SER A 17 22.19 -0.18 8.76
N VAL A 18 22.09 0.04 7.46
CA VAL A 18 23.05 0.89 6.76
C VAL A 18 22.32 1.73 5.71
N LYS A 19 22.78 2.98 5.55
CA LYS A 19 22.24 3.86 4.54
C LYS A 19 23.39 4.21 3.62
N LEU A 20 23.45 3.53 2.47
CA LEU A 20 24.54 3.76 1.51
C LEU A 20 24.33 5.03 0.70
N SER A 21 25.41 5.77 0.46
CA SER A 21 25.32 7.05 -0.26
CA SER A 21 25.36 7.06 -0.23
C SER A 21 25.96 6.99 -1.63
N CYS A 22 25.35 7.71 -2.56
CA CYS A 22 25.87 7.84 -3.92
C CYS A 22 25.73 9.31 -4.31
N LYS A 23 26.85 10.03 -4.26
CA LYS A 23 26.87 11.47 -4.47
C LYS A 23 27.15 11.77 -5.94
N ALA A 24 26.16 12.37 -6.59
CA ALA A 24 26.24 12.69 -8.01
C ALA A 24 26.83 14.07 -8.26
N SER A 25 27.66 14.17 -9.30
CA SER A 25 28.19 15.46 -9.74
C SER A 25 28.32 15.51 -11.26
N GLY A 26 28.37 16.73 -11.79
CA GLY A 26 28.66 16.94 -13.21
C GLY A 26 27.50 16.76 -14.15
N TYR A 27 26.28 16.74 -13.60
CA TYR A 27 25.07 16.66 -14.43
C TYR A 27 23.85 17.12 -13.63
N THR A 28 22.73 17.25 -14.34
CA THR A 28 21.49 17.67 -13.70
C THR A 28 20.84 16.47 -13.03
N PHE A 29 21.07 16.37 -11.72
CA PHE A 29 20.74 15.21 -10.89
C PHE A 29 19.30 14.73 -11.07
N THR A 30 18.36 15.67 -11.13
CA THR A 30 16.95 15.31 -11.15
C THR A 30 16.44 14.85 -12.52
N ASN A 31 17.30 14.87 -13.53
CA ASN A 31 16.86 14.54 -14.88
C ASN A 31 17.25 13.15 -15.41
N PHE A 32 17.88 12.33 -14.55
CA PHE A 32 18.31 10.96 -14.92
C PHE A 32 17.93 9.96 -13.83
N TRP A 33 17.44 8.80 -14.24
CA TRP A 33 17.16 7.69 -13.30
C TRP A 33 18.40 7.16 -12.64
N MET A 34 18.29 6.89 -11.33
CA MET A 34 19.37 6.28 -10.52
C MET A 34 18.99 4.85 -10.19
N ASN A 35 19.98 3.96 -10.23
CA ASN A 35 19.77 2.52 -10.08
C ASN A 35 20.74 2.01 -9.06
N TRP A 36 20.32 1.01 -8.29
CA TRP A 36 21.20 0.32 -7.35
C TRP A 36 21.28 -1.13 -7.68
N VAL A 37 22.50 -1.68 -7.64
CA VAL A 37 22.79 -3.04 -8.05
C VAL A 37 23.60 -3.75 -6.95
N LYS A 38 23.21 -4.97 -6.60
CA LYS A 38 23.93 -5.79 -5.62
C LYS A 38 24.72 -6.88 -6.30
N GLN A 39 25.91 -7.14 -5.78
CA GLN A 39 26.69 -8.26 -6.30
C GLN A 39 27.43 -8.96 -5.19
N ARG A 40 27.01 -10.18 -4.91
CA ARG A 40 27.68 -11.06 -3.95
C ARG A 40 28.95 -11.61 -4.57
N PRO A 41 29.95 -11.99 -3.73
CA PRO A 41 31.21 -12.55 -4.22
C PRO A 41 31.01 -13.68 -5.22
N GLY A 42 31.59 -13.54 -6.41
CA GLY A 42 31.55 -14.56 -7.44
C GLY A 42 30.17 -14.86 -7.99
N GLN A 43 29.20 -14.00 -7.69
CA GLN A 43 27.83 -14.15 -8.16
C GLN A 43 27.47 -13.02 -9.12
N GLY A 44 26.26 -13.09 -9.67
CA GLY A 44 25.82 -12.11 -10.67
C GLY A 44 25.37 -10.76 -10.14
N LEU A 45 25.08 -9.86 -11.06
CA LEU A 45 24.51 -8.57 -10.75
C LEU A 45 23.02 -8.73 -10.51
N GLU A 46 22.51 -8.09 -9.45
CA GLU A 46 21.08 -8.11 -9.15
C GLU A 46 20.61 -6.67 -9.02
N LEU A 47 19.67 -6.26 -9.86
CA LEU A 47 19.12 -4.93 -9.74
C LEU A 47 18.28 -4.89 -8.48
N ILE A 48 18.50 -3.88 -7.65
CA ILE A 48 17.73 -3.72 -6.41
C ILE A 48 16.49 -2.89 -6.69
N GLY A 49 16.71 -1.76 -7.35
CA GLY A 49 15.64 -0.85 -7.67
C GLY A 49 16.15 0.38 -8.38
N MET A 50 15.23 1.23 -8.80
CA MET A 50 15.59 2.49 -9.39
C MET A 50 14.71 3.60 -8.88
N ILE A 51 15.22 4.81 -8.97
CA ILE A 51 14.49 5.97 -8.44
C ILE A 51 14.69 7.17 -9.36
N ASP A 52 13.61 7.91 -9.58
CA ASP A 52 13.68 9.13 -10.36
C ASP A 52 13.85 10.26 -9.36
N PRO A 53 15.03 10.92 -9.33
CA PRO A 53 15.23 11.89 -8.27
C PRO A 53 14.32 13.12 -8.32
N SER A 54 13.71 13.39 -9.48
CA SER A 54 12.81 14.54 -9.60
C SER A 54 11.59 14.43 -8.68
N ASP A 55 11.01 13.24 -8.58
CA ASP A 55 9.78 13.07 -7.77
C ASP A 55 9.80 11.81 -6.91
N SER A 56 10.95 11.15 -6.85
CA SER A 56 11.13 9.92 -6.08
C SER A 56 10.20 8.77 -6.49
N GLU A 57 9.75 8.75 -7.74
CA GLU A 57 9.10 7.56 -8.30
C GLU A 57 10.10 6.41 -8.14
N THR A 58 9.66 5.30 -7.54
CA THR A 58 10.56 4.15 -7.33
C THR A 58 9.99 2.87 -7.90
N HIS A 59 10.89 1.98 -8.32
CA HIS A 59 10.51 0.63 -8.71
C HIS A 59 11.51 -0.34 -8.15
N TYR A 60 11.00 -1.32 -7.39
CA TYR A 60 11.87 -2.30 -6.72
C TYR A 60 11.81 -3.67 -7.41
N ASN A 61 12.96 -4.33 -7.50
CA ASN A 61 12.97 -5.73 -7.91
C ASN A 61 12.38 -6.58 -6.78
N GLN A 62 11.72 -7.68 -7.14
CA GLN A 62 10.90 -8.41 -6.18
C GLN A 62 11.66 -8.85 -4.93
N MET A 63 12.92 -9.23 -5.10
CA MET A 63 13.74 -9.73 -3.99
C MET A 63 14.00 -8.65 -2.94
N PHE A 64 13.89 -7.39 -3.33
CA PHE A 64 14.28 -6.28 -2.47
C PHE A 64 13.14 -5.38 -2.01
N LYS A 65 11.91 -5.70 -2.43
CA LYS A 65 10.73 -4.85 -2.16
C LYS A 65 10.54 -4.52 -0.69
N ASP A 66 10.71 -5.50 0.18
CA ASP A 66 10.57 -5.23 1.60
C ASP A 66 11.88 -4.84 2.27
N LYS A 67 13.00 -5.13 1.61
CA LYS A 67 14.32 -5.06 2.23
C LYS A 67 15.05 -3.73 2.01
N ALA A 68 14.88 -3.14 0.84
CA ALA A 68 15.61 -1.93 0.49
C ALA A 68 14.69 -0.74 0.43
N THR A 69 15.23 0.43 0.74
CA THR A 69 14.49 1.69 0.61
C THR A 69 15.34 2.73 -0.09
N LEU A 70 14.84 3.24 -1.22
CA LEU A 70 15.57 4.22 -2.01
C LEU A 70 15.03 5.62 -1.75
N THR A 71 15.93 6.56 -1.52
CA THR A 71 15.56 7.97 -1.34
C THR A 71 16.60 8.85 -2.05
N VAL A 72 16.28 10.14 -2.18
CA VAL A 72 17.25 11.12 -2.67
C VAL A 72 17.21 12.36 -1.79
N ASP A 73 18.35 13.06 -1.73
CA ASP A 73 18.42 14.39 -1.17
C ASP A 73 18.81 15.32 -2.32
N LYS A 74 17.83 16.09 -2.81
CA LYS A 74 18.09 17.04 -3.91
C LYS A 74 19.10 18.11 -3.57
N SER A 75 19.05 18.62 -2.33
CA SER A 75 19.94 19.70 -1.89
C SER A 75 21.43 19.33 -1.92
N SER A 76 21.74 18.04 -1.86
CA SER A 76 23.13 17.59 -1.92
C SER A 76 23.39 16.71 -3.14
N SER A 77 22.39 16.55 -4.00
CA SER A 77 22.48 15.66 -5.17
C SER A 77 22.97 14.26 -4.80
N THR A 78 22.40 13.69 -3.74
CA THR A 78 22.82 12.40 -3.25
C THR A 78 21.66 11.41 -3.29
N ALA A 79 21.95 10.21 -3.76
CA ALA A 79 21.02 9.09 -3.73
C ALA A 79 21.41 8.15 -2.59
N TYR A 80 20.39 7.61 -1.92
CA TYR A 80 20.61 6.75 -0.78
C TYR A 80 19.89 5.42 -0.94
N MET A 81 20.50 4.38 -0.38
CA MET A 81 19.86 3.10 -0.36
C MET A 81 19.99 2.53 1.03
N GLN A 82 18.86 2.36 1.72
CA GLN A 82 18.86 1.84 3.08
C GLN A 82 18.51 0.36 3.14
N LEU A 83 19.33 -0.39 3.88
CA LEU A 83 19.09 -1.80 4.16
C LEU A 83 18.97 -1.99 5.66
N SER A 84 18.07 -2.84 6.13
CA SER A 84 17.92 -3.05 7.58
C SER A 84 18.12 -4.51 7.97
N SER A 85 18.25 -4.75 9.27
CA SER A 85 18.40 -6.10 9.83
C SER A 85 19.47 -6.89 9.08
N LEU A 86 20.66 -6.31 8.97
CA LEU A 86 21.71 -6.88 8.12
C LEU A 86 22.17 -8.27 8.58
N THR A 87 22.39 -9.15 7.61
CA THR A 87 22.95 -10.47 7.89
C THR A 87 24.13 -10.68 6.95
N SER A 88 24.85 -11.80 7.11
CA SER A 88 25.99 -12.09 6.23
C SER A 88 25.57 -12.20 4.76
N GLU A 89 24.29 -12.50 4.50
CA GLU A 89 23.78 -12.53 3.13
C GLU A 89 23.78 -11.15 2.48
N ASP A 90 23.88 -10.11 3.29
CA ASP A 90 23.93 -8.75 2.79
C ASP A 90 25.35 -8.27 2.51
N SER A 91 26.37 -9.06 2.89
CA SER A 91 27.73 -8.71 2.52
C SER A 91 27.86 -8.82 1.00
N ALA A 92 28.21 -7.70 0.36
CA ALA A 92 28.25 -7.62 -1.10
C ALA A 92 28.83 -6.28 -1.50
N VAL A 93 29.08 -6.12 -2.80
CA VAL A 93 29.37 -4.82 -3.37
C VAL A 93 28.05 -4.21 -3.86
N TYR A 94 27.80 -2.95 -3.50
CA TYR A 94 26.60 -2.26 -3.92
C TYR A 94 26.96 -1.10 -4.83
N TYR A 95 26.48 -1.14 -6.08
CA TYR A 95 26.78 -0.12 -7.07
C TYR A 95 25.60 0.80 -7.22
N CYS A 96 25.88 2.08 -7.45
CA CYS A 96 24.86 2.95 -8.05
C CYS A 96 25.22 3.19 -9.52
N ALA A 97 24.20 3.38 -10.34
CA ALA A 97 24.41 3.55 -11.79
C ALA A 97 23.40 4.52 -12.35
N ARG A 98 23.85 5.36 -13.27
CA ARG A 98 22.95 6.32 -13.92
C ARG A 98 22.42 5.74 -15.23
N ARG A 99 21.12 5.92 -15.45
CA ARG A 99 20.53 5.64 -16.76
C ARG A 99 20.78 6.86 -17.62
N ASP A 100 21.07 6.66 -18.90
CA ASP A 100 21.27 7.79 -19.83
C ASP A 100 19.98 8.61 -19.98
N TYR A 101 20.09 9.78 -20.60
CA TYR A 101 18.95 10.70 -20.70
C TYR A 101 17.69 10.10 -21.34
N TYR A 102 17.89 9.19 -22.30
CA TYR A 102 16.78 8.61 -23.06
C TYR A 102 16.27 7.28 -22.51
N GLY A 103 16.91 6.78 -21.46
CA GLY A 103 16.47 5.54 -20.81
C GLY A 103 16.84 4.25 -21.56
N ILE A 104 17.91 4.29 -22.35
CA ILE A 104 18.23 3.16 -23.21
C ILE A 104 19.49 2.39 -22.79
N LEU A 105 20.21 2.90 -21.80
CA LEU A 105 21.44 2.27 -21.32
C LEU A 105 21.91 2.86 -20.00
N PHE A 106 22.78 2.14 -19.28
CA PHE A 106 23.44 2.72 -18.10
C PHE A 106 24.74 3.33 -18.61
N ASP A 107 24.95 4.62 -18.36
CA ASP A 107 26.16 5.27 -18.91
C ASP A 107 27.30 5.54 -17.94
N TYR A 108 26.96 5.67 -16.65
CA TYR A 108 27.95 5.96 -15.61
C TYR A 108 27.65 5.17 -14.33
N TRP A 109 28.71 4.69 -13.69
CA TRP A 109 28.62 3.86 -12.49
C TRP A 109 29.42 4.42 -11.36
N GLY A 110 28.93 4.27 -10.14
CA GLY A 110 29.78 4.43 -8.98
C GLY A 110 30.80 3.30 -8.89
N GLN A 111 31.78 3.44 -8.02
CA GLN A 111 32.78 2.41 -7.96
C GLN A 111 32.41 1.24 -7.05
N GLY A 112 31.26 1.37 -6.39
CA GLY A 112 30.71 0.31 -5.55
C GLY A 112 31.18 0.43 -4.10
N THR A 113 30.27 0.20 -3.17
CA THR A 113 30.60 0.15 -1.75
C THR A 113 30.57 -1.31 -1.33
N THR A 114 31.69 -1.82 -0.84
CA THR A 114 31.72 -3.18 -0.34
C THR A 114 31.28 -3.17 1.11
N VAL A 115 30.15 -3.84 1.38
CA VAL A 115 29.63 -3.94 2.74
C VAL A 115 30.06 -5.28 3.31
N THR A 116 30.67 -5.27 4.49
CA THR A 116 30.96 -6.48 5.23
C THR A 116 30.08 -6.51 6.46
N VAL A 117 29.29 -7.58 6.60
CA VAL A 117 28.47 -7.76 7.81
C VAL A 117 29.15 -8.79 8.69
N SER A 118 29.72 -8.32 9.81
CA SER A 118 30.53 -9.17 10.67
C SER A 118 30.67 -8.62 12.07
N SER A 119 30.80 -9.50 13.05
N SER A 119 30.80 -9.51 13.05
CA SER A 119 31.05 -9.08 14.42
CA SER A 119 31.05 -9.11 14.44
C SER A 119 32.54 -8.89 14.73
C SER A 119 32.55 -9.05 14.78
N ALA A 120 33.41 -9.34 13.80
CA ALA A 120 34.88 -9.32 14.02
C ALA A 120 35.44 -7.91 14.22
N LYS A 121 36.56 -7.82 14.95
CA LYS A 121 37.16 -6.56 15.37
C LYS A 121 38.15 -6.04 14.32
N THR A 122 38.13 -4.73 14.10
CA THR A 122 39.13 -4.13 13.21
C THR A 122 40.53 -4.30 13.80
N THR A 123 41.45 -4.76 12.97
CA THR A 123 42.82 -5.11 13.39
C THR A 123 43.78 -4.68 12.27
N PRO A 124 44.90 -3.98 12.63
CA PRO A 124 45.86 -3.57 11.60
C PRO A 124 46.69 -4.74 11.08
N PRO A 125 47.27 -4.59 9.88
CA PRO A 125 48.10 -5.67 9.36
C PRO A 125 49.52 -5.67 9.90
N SER A 126 50.14 -6.84 9.93
CA SER A 126 51.59 -6.94 10.10
C SER A 126 52.15 -7.18 8.71
N VAL A 127 53.19 -6.43 8.34
CA VAL A 127 53.74 -6.51 6.99
C VAL A 127 55.14 -7.09 7.07
N TYR A 128 55.37 -8.19 6.37
CA TYR A 128 56.68 -8.84 6.39
C TYR A 128 57.31 -8.87 5.00
N PRO A 129 58.52 -8.31 4.86
CA PRO A 129 59.22 -8.36 3.59
C PRO A 129 59.74 -9.77 3.34
N LEU A 130 59.62 -10.27 2.12
CA LEU A 130 60.11 -11.60 1.76
C LEU A 130 61.26 -11.51 0.77
N ALA A 131 62.48 -11.57 1.28
CA ALA A 131 63.66 -11.65 0.42
C ALA A 131 63.96 -13.12 0.10
N PRO A 132 64.62 -13.38 -1.05
CA PRO A 132 64.92 -14.75 -1.45
C PRO A 132 65.76 -15.48 -0.41
N GLY A 133 65.53 -16.77 -0.25
CA GLY A 133 66.37 -17.56 0.62
C GLY A 133 67.80 -17.49 0.16
N SER A 134 68.72 -17.47 1.12
CA SER A 134 70.14 -17.53 0.82
C SER A 134 70.40 -18.78 -0.04
N ALA A 135 71.20 -18.63 -1.09
CA ALA A 135 71.44 -19.69 -2.07
C ALA A 135 70.16 -20.17 -2.79
N ALA A 136 69.19 -19.27 -2.95
CA ALA A 136 68.12 -19.46 -3.94
C ALA A 136 68.80 -19.42 -5.30
N GLN A 137 68.26 -20.18 -6.27
CA GLN A 137 68.89 -20.30 -7.60
C GLN A 137 68.92 -18.96 -8.34
N THR A 138 70.09 -18.59 -8.86
CA THR A 138 70.23 -17.35 -9.64
C THR A 138 69.79 -17.58 -11.09
N ASN A 139 68.80 -16.80 -11.52
CA ASN A 139 68.29 -16.83 -12.90
C ASN A 139 68.40 -15.43 -13.52
N SER A 140 67.84 -15.24 -14.72
CA SER A 140 67.77 -13.89 -15.28
C SER A 140 66.84 -12.99 -14.45
N MET A 141 65.92 -13.61 -13.72
CA MET A 141 64.95 -12.87 -12.93
C MET A 141 65.00 -13.28 -11.46
N VAL A 142 64.50 -12.42 -10.59
CA VAL A 142 64.39 -12.73 -9.16
C VAL A 142 62.99 -12.37 -8.69
N THR A 143 62.44 -13.19 -7.80
CA THR A 143 61.12 -12.93 -7.24
C THR A 143 61.25 -12.50 -5.77
N LEU A 144 60.55 -11.42 -5.44
CA LEU A 144 60.49 -10.89 -4.09
C LEU A 144 59.04 -10.91 -3.65
N GLY A 145 58.80 -10.72 -2.36
CA GLY A 145 57.43 -10.81 -1.88
C GLY A 145 57.15 -9.99 -0.65
N CYS A 146 55.86 -9.93 -0.34
N CYS A 146 55.86 -9.82 -0.34
CA CYS A 146 55.38 -9.17 0.79
CA CYS A 146 55.47 -9.16 0.89
C CYS A 146 54.27 -10.03 1.36
C CYS A 146 54.23 -9.84 1.43
N LEU A 147 54.31 -10.25 2.68
CA LEU A 147 53.26 -11.01 3.35
C LEU A 147 52.52 -10.03 4.27
N VAL A 148 51.20 -9.95 4.09
CA VAL A 148 50.40 -9.02 4.86
C VAL A 148 49.43 -9.82 5.71
N LYS A 149 49.63 -9.79 7.02
CA LYS A 149 49.01 -10.79 7.86
C LYS A 149 48.20 -10.24 9.02
N GLY A 150 47.08 -10.89 9.34
CA GLY A 150 46.38 -10.64 10.59
C GLY A 150 45.58 -9.36 10.65
N TYR A 151 44.97 -8.97 9.55
CA TYR A 151 44.18 -7.73 9.53
C TYR A 151 42.68 -7.99 9.36
N PHE A 152 41.87 -6.99 9.70
CA PHE A 152 40.43 -7.04 9.46
C PHE A 152 39.90 -5.60 9.52
N PRO A 153 38.89 -5.27 8.69
CA PRO A 153 38.28 -5.99 7.57
C PRO A 153 39.12 -5.75 6.31
N GLU A 154 38.65 -6.27 5.18
CA GLU A 154 39.19 -5.90 3.86
C GLU A 154 38.76 -4.46 3.57
N PRO A 155 39.48 -3.75 2.67
CA PRO A 155 40.61 -4.19 1.90
C PRO A 155 41.95 -3.68 2.44
N VAL A 156 43.02 -4.29 1.93
CA VAL A 156 44.33 -3.66 1.94
C VAL A 156 44.67 -3.40 0.48
N THR A 157 45.48 -2.39 0.25
CA THR A 157 46.00 -2.15 -1.08
C THR A 157 47.49 -2.39 -0.97
N VAL A 158 48.07 -3.01 -1.99
CA VAL A 158 49.52 -3.23 -2.03
C VAL A 158 50.03 -2.63 -3.31
N THR A 159 51.11 -1.86 -3.23
CA THR A 159 51.82 -1.40 -4.42
C THR A 159 53.29 -1.71 -4.24
N TRP A 160 54.03 -1.65 -5.35
CA TRP A 160 55.48 -1.80 -5.29
C TRP A 160 56.13 -0.58 -5.86
N ASN A 161 57.13 -0.06 -5.14
CA ASN A 161 57.80 1.20 -5.52
C ASN A 161 56.80 2.31 -5.84
N SER A 162 55.82 2.44 -4.94
CA SER A 162 54.77 3.46 -5.03
C SER A 162 53.96 3.43 -6.33
N GLY A 163 53.91 2.25 -6.97
CA GLY A 163 53.16 2.08 -8.22
C GLY A 163 54.03 1.96 -9.44
N SER A 164 55.31 2.32 -9.32
CA SER A 164 56.24 2.29 -10.43
C SER A 164 56.52 0.89 -10.97
N LEU A 165 56.46 -0.10 -10.07
CA LEU A 165 56.55 -1.51 -10.46
C LEU A 165 55.16 -2.12 -10.48
N SER A 166 54.65 -2.45 -11.66
CA SER A 166 53.30 -3.03 -11.73
C SER A 166 53.17 -4.26 -12.65
N SER A 167 53.96 -4.31 -13.72
CA SER A 167 53.78 -5.39 -14.70
C SER A 167 54.17 -6.79 -14.21
N GLY A 168 55.16 -6.89 -13.32
CA GLY A 168 55.59 -8.22 -12.84
C GLY A 168 55.03 -8.60 -11.48
N VAL A 169 53.88 -8.02 -11.14
CA VAL A 169 53.30 -8.17 -9.78
C VAL A 169 52.12 -9.14 -9.78
N HIS A 170 52.03 -9.99 -8.75
CA HIS A 170 50.84 -10.77 -8.45
C HIS A 170 50.44 -10.52 -7.03
N THR A 171 49.31 -9.85 -6.83
CA THR A 171 48.80 -9.65 -5.49
C THR A 171 47.61 -10.57 -5.35
N PHE A 172 47.71 -11.46 -4.37
CA PHE A 172 46.78 -12.57 -4.24
C PHE A 172 45.55 -12.16 -3.43
N PRO A 173 44.37 -12.72 -3.76
CA PRO A 173 43.19 -12.39 -2.96
C PRO A 173 43.39 -12.79 -1.52
N ALA A 174 42.87 -11.98 -0.61
CA ALA A 174 42.97 -12.26 0.82
C ALA A 174 42.15 -13.48 1.20
N VAL A 175 42.64 -14.23 2.18
CA VAL A 175 41.93 -15.40 2.71
C VAL A 175 41.65 -15.17 4.19
N LEU A 176 40.39 -15.42 4.59
CA LEU A 176 39.96 -15.23 5.97
C LEU A 176 40.13 -16.50 6.80
N GLN A 177 40.70 -16.35 8.00
CA GLN A 177 40.89 -17.44 8.94
C GLN A 177 40.86 -16.92 10.38
N SER A 178 40.03 -17.52 11.21
CA SER A 178 39.85 -17.07 12.62
C SER A 178 39.69 -15.55 12.68
N ASP A 179 38.84 -15.04 11.79
CA ASP A 179 38.47 -13.61 11.68
C ASP A 179 39.61 -12.63 11.40
N LEU A 180 40.67 -13.16 10.78
CA LEU A 180 41.75 -12.32 10.29
C LEU A 180 42.09 -12.70 8.86
N TYR A 181 42.38 -11.68 8.06
CA TYR A 181 42.76 -11.88 6.68
C TYR A 181 44.28 -11.95 6.54
N THR A 182 44.72 -12.71 5.55
CA THR A 182 46.12 -12.69 5.15
C THR A 182 46.17 -12.69 3.63
N LEU A 183 47.10 -11.89 3.11
CA LEU A 183 47.41 -11.95 1.71
C LEU A 183 48.90 -11.80 1.49
N SER A 184 49.33 -12.14 0.29
N SER A 184 49.36 -12.21 0.31
CA SER A 184 50.71 -12.00 -0.11
CA SER A 184 50.75 -12.00 -0.08
C SER A 184 50.74 -11.32 -1.45
C SER A 184 50.77 -11.39 -1.46
N SER A 185 51.90 -10.76 -1.80
CA SER A 185 52.09 -10.18 -3.13
C SER A 185 53.51 -10.56 -3.55
N SER A 186 53.66 -10.97 -4.79
CA SER A 186 54.97 -11.23 -5.37
C SER A 186 55.29 -10.19 -6.46
N VAL A 187 56.57 -9.93 -6.64
CA VAL A 187 57.02 -9.07 -7.75
C VAL A 187 58.29 -9.72 -8.31
N THR A 188 58.38 -9.75 -9.63
CA THR A 188 59.52 -10.35 -10.30
C THR A 188 60.24 -9.30 -11.13
N VAL A 189 61.53 -9.13 -10.88
CA VAL A 189 62.36 -8.11 -11.55
C VAL A 189 63.64 -8.76 -12.07
N PRO A 190 64.33 -8.11 -13.01
CA PRO A 190 65.61 -8.65 -13.46
C PRO A 190 66.61 -8.74 -12.29
N SER A 191 67.34 -9.85 -12.25
CA SER A 191 68.34 -10.10 -11.20
C SER A 191 69.43 -9.04 -11.16
N SER A 192 69.79 -8.52 -12.33
CA SER A 192 70.77 -7.44 -12.42
C SER A 192 70.28 -6.14 -11.77
N THR A 193 68.95 -5.97 -11.65
CA THR A 193 68.39 -4.76 -11.03
C THR A 193 68.26 -4.84 -9.50
N TRP A 194 68.50 -6.02 -8.91
CA TRP A 194 68.28 -6.21 -7.46
C TRP A 194 69.41 -6.98 -6.81
N PRO A 195 69.92 -6.49 -5.65
CA PRO A 195 69.45 -5.36 -4.83
C PRO A 195 69.98 -3.97 -5.21
N SER A 196 70.67 -3.82 -6.33
CA SER A 196 71.26 -2.52 -6.70
C SER A 196 70.23 -1.39 -6.79
N GLU A 197 69.04 -1.72 -7.29
CA GLU A 197 67.92 -0.78 -7.31
C GLU A 197 66.93 -1.31 -6.28
N THR A 198 66.44 -0.42 -5.41
CA THR A 198 65.61 -0.83 -4.28
C THR A 198 64.22 -1.20 -4.73
N VAL A 199 63.65 -2.15 -4.00
CA VAL A 199 62.26 -2.56 -4.18
C VAL A 199 61.58 -2.50 -2.82
N THR A 200 60.45 -1.81 -2.79
CA THR A 200 59.72 -1.55 -1.55
C THR A 200 58.25 -1.93 -1.73
N CYS A 201 57.72 -2.65 -0.75
N CYS A 201 57.69 -2.73 -0.82
CA CYS A 201 56.31 -2.99 -0.67
CA CYS A 201 56.25 -2.87 -0.87
C CYS A 201 55.55 -1.89 0.10
C CYS A 201 55.61 -1.82 -0.02
N ASN A 202 54.46 -1.36 -0.48
CA ASN A 202 53.68 -0.30 0.18
C ASN A 202 52.32 -0.86 0.45
N VAL A 203 51.93 -0.87 1.73
CA VAL A 203 50.67 -1.50 2.14
C VAL A 203 49.83 -0.44 2.83
N ALA A 204 48.55 -0.37 2.45
CA ALA A 204 47.63 0.56 3.09
C ALA A 204 46.43 -0.24 3.58
N HIS A 205 46.02 0.04 4.82
CA HIS A 205 44.81 -0.58 5.37
C HIS A 205 43.92 0.53 5.89
N PRO A 206 43.02 1.04 5.03
CA PRO A 206 42.24 2.23 5.43
C PRO A 206 41.42 2.06 6.72
N ALA A 207 40.89 0.87 6.98
CA ALA A 207 40.00 0.68 8.14
C ALA A 207 40.72 0.90 9.48
N SER A 208 42.02 0.62 9.51
CA SER A 208 42.82 0.90 10.69
C SER A 208 43.68 2.16 10.53
N SER A 209 43.47 2.92 9.44
CA SER A 209 44.22 4.14 9.18
C SER A 209 45.73 3.91 9.28
N THR A 210 46.17 2.84 8.60
CA THR A 210 47.55 2.38 8.64
C THR A 210 48.17 2.35 7.24
N LYS A 211 49.39 2.86 7.14
CA LYS A 211 50.25 2.64 5.97
C LYS A 211 51.61 2.16 6.43
N VAL A 212 52.15 1.17 5.72
CA VAL A 212 53.47 0.63 6.03
C VAL A 212 54.26 0.47 4.72
N ASP A 213 55.53 0.90 4.75
CA ASP A 213 56.44 0.64 3.63
C ASP A 213 57.56 -0.23 4.17
N LYS A 214 57.87 -1.29 3.43
CA LYS A 214 58.96 -2.18 3.80
C LYS A 214 59.85 -2.37 2.58
N LYS A 215 61.10 -1.91 2.67
CA LYS A 215 62.08 -2.23 1.61
C LYS A 215 62.44 -3.71 1.71
N ILE A 216 62.59 -4.39 0.57
CA ILE A 216 63.01 -5.78 0.61
C ILE A 216 64.54 -5.77 0.73
N VAL A 217 65.04 -6.29 1.85
CA VAL A 217 66.47 -6.28 2.19
C VAL A 217 67.03 -7.69 2.02
N PRO A 218 68.16 -7.86 1.29
CA PRO A 218 68.72 -9.20 1.16
C PRO A 218 68.97 -9.87 2.51
N ARG A 219 68.79 -11.19 2.57
CA ARG A 219 69.13 -11.96 3.75
C ARG A 219 70.64 -12.13 3.79
N ASP B 1 8.79 -10.78 -11.88
CA ASP B 1 9.73 -10.00 -12.74
C ASP B 1 10.21 -10.87 -13.89
N VAL B 2 10.76 -10.24 -14.93
CA VAL B 2 11.22 -10.97 -16.10
C VAL B 2 12.54 -11.69 -15.81
N LEU B 3 12.57 -13.00 -16.06
CA LEU B 3 13.78 -13.77 -15.86
C LEU B 3 14.66 -13.73 -17.08
N MET B 4 15.96 -13.53 -16.86
CA MET B 4 16.94 -13.52 -17.95
C MET B 4 17.97 -14.60 -17.69
N THR B 5 17.95 -15.62 -18.53
N THR B 5 17.98 -15.61 -18.54
CA THR B 5 18.84 -16.76 -18.38
CA THR B 5 18.83 -16.81 -18.36
C THR B 5 19.93 -16.69 -19.44
C THR B 5 19.90 -16.93 -19.44
N GLN B 6 21.18 -16.91 -19.03
CA GLN B 6 22.27 -17.02 -20.00
C GLN B 6 22.84 -18.42 -20.12
N THR B 7 23.27 -18.79 -21.33
CA THR B 7 23.88 -20.09 -21.61
C THR B 7 25.05 -19.85 -22.58
N PRO B 8 26.25 -20.42 -22.31
CA PRO B 8 26.62 -21.20 -21.11
C PRO B 8 26.90 -20.25 -19.93
N LEU B 9 27.19 -20.83 -18.77
N LEU B 9 27.19 -20.83 -18.78
CA LEU B 9 27.55 -20.06 -17.57
CA LEU B 9 27.54 -20.08 -17.58
C LEU B 9 29.02 -19.68 -17.61
C LEU B 9 29.01 -19.66 -17.65
N SER B 10 29.82 -20.50 -18.29
CA SER B 10 31.22 -20.17 -18.55
C SER B 10 31.62 -20.70 -19.93
N LEU B 11 32.59 -20.03 -20.54
CA LEU B 11 32.89 -20.20 -21.95
C LEU B 11 34.42 -20.09 -22.14
N PRO B 12 35.14 -21.23 -22.28
CA PRO B 12 36.58 -21.12 -22.64
C PRO B 12 36.73 -20.95 -24.17
N VAL B 13 37.56 -20.00 -24.59
N VAL B 13 37.56 -19.99 -24.59
CA VAL B 13 37.77 -19.75 -26.01
CA VAL B 13 37.77 -19.70 -26.02
C VAL B 13 39.22 -19.44 -26.31
C VAL B 13 39.24 -19.48 -26.29
N SER B 14 39.70 -19.98 -27.44
CA SER B 14 41.06 -19.75 -27.91
C SER B 14 41.11 -18.36 -28.55
N LEU B 15 42.30 -17.75 -28.54
CA LEU B 15 42.48 -16.44 -29.16
C LEU B 15 42.20 -16.51 -30.66
N GLY B 16 41.43 -15.54 -31.15
CA GLY B 16 41.11 -15.45 -32.58
C GLY B 16 39.82 -16.16 -32.93
N ASP B 17 39.37 -17.04 -32.03
CA ASP B 17 38.12 -17.78 -32.25
C ASP B 17 36.92 -16.91 -31.88
N GLN B 18 35.72 -17.42 -32.13
CA GLN B 18 34.49 -16.72 -31.84
C GLN B 18 33.84 -17.29 -30.59
N ALA B 19 33.30 -16.39 -29.77
CA ALA B 19 32.54 -16.77 -28.58
C ALA B 19 31.10 -16.36 -28.84
N SER B 20 30.16 -17.24 -28.50
N SER B 20 30.15 -17.24 -28.52
CA SER B 20 28.73 -16.95 -28.65
CA SER B 20 28.72 -16.96 -28.65
C SER B 20 28.00 -17.17 -27.33
C SER B 20 28.01 -17.17 -27.32
N ILE B 21 27.26 -16.17 -26.89
CA ILE B 21 26.58 -16.21 -25.59
C ILE B 21 25.09 -16.00 -25.84
N SER B 22 24.27 -16.89 -25.29
N SER B 22 24.27 -16.89 -25.29
CA SER B 22 22.82 -16.84 -25.47
CA SER B 22 22.82 -16.80 -25.47
C SER B 22 22.12 -16.26 -24.26
C SER B 22 22.17 -16.18 -24.25
N CYS B 23 21.11 -15.43 -24.50
CA CYS B 23 20.31 -14.81 -23.45
C CYS B 23 18.84 -15.07 -23.77
N ARG B 24 18.13 -15.76 -22.86
CA ARG B 24 16.70 -16.06 -23.07
C ARG B 24 15.86 -15.42 -21.98
N SER B 25 14.79 -14.73 -22.39
CA SER B 25 13.88 -14.10 -21.44
C SER B 25 12.61 -14.92 -21.22
N SER B 26 11.98 -14.71 -20.07
CA SER B 26 10.76 -15.44 -19.71
C SER B 26 9.52 -14.87 -20.41
N GLN B 27 9.68 -13.72 -21.04
CA GLN B 27 8.60 -12.95 -21.65
C GLN B 27 9.26 -12.15 -22.77
N SER B 28 8.54 -11.89 -23.86
CA SER B 28 9.10 -11.06 -24.93
C SER B 28 9.63 -9.74 -24.40
N ILE B 29 10.79 -9.32 -24.92
CA ILE B 29 11.41 -8.06 -24.53
C ILE B 29 10.97 -6.91 -25.46
N VAL B 30 10.16 -7.23 -26.48
CA VAL B 30 9.51 -6.18 -27.28
C VAL B 30 8.63 -5.35 -26.37
N HIS B 31 8.86 -4.03 -26.39
CA HIS B 31 8.06 -3.08 -25.62
C HIS B 31 6.79 -2.72 -26.38
N ASN B 32 5.79 -2.23 -25.66
CA ASN B 32 4.57 -1.68 -26.27
C ASN B 32 4.85 -0.63 -27.35
N ASN B 33 5.95 0.13 -27.19
CA ASN B 33 6.35 1.13 -28.18
C ASN B 33 7.07 0.57 -29.39
N GLY B 34 7.29 -0.75 -29.40
CA GLY B 34 7.81 -1.46 -30.56
C GLY B 34 9.31 -1.68 -30.55
N ASN B 35 10.01 -1.01 -29.63
CA ASN B 35 11.45 -1.18 -29.45
C ASN B 35 11.77 -2.36 -28.53
N THR B 36 13.00 -2.88 -28.64
CA THR B 36 13.43 -3.98 -27.79
C THR B 36 14.66 -3.54 -27.02
N TYR B 37 14.51 -3.39 -25.71
CA TYR B 37 15.58 -2.85 -24.88
C TYR B 37 16.44 -3.94 -24.26
N ILE B 38 17.29 -4.56 -25.07
CA ILE B 38 18.30 -5.53 -24.61
C ILE B 38 19.66 -4.86 -24.59
N GLU B 39 20.38 -5.02 -23.48
CA GLU B 39 21.74 -4.48 -23.39
C GLU B 39 22.71 -5.58 -22.99
N TRP B 40 23.98 -5.41 -23.36
CA TRP B 40 25.03 -6.34 -22.93
C TRP B 40 26.09 -5.55 -22.23
N TYR B 41 26.50 -6.02 -21.05
CA TYR B 41 27.52 -5.37 -20.21
C TYR B 41 28.66 -6.35 -19.98
N LEU B 42 29.87 -5.81 -19.84
CA LEU B 42 31.05 -6.61 -19.52
C LEU B 42 31.60 -6.12 -18.20
N GLN B 43 31.82 -7.05 -17.28
CA GLN B 43 32.46 -6.71 -16.02
C GLN B 43 33.78 -7.46 -15.80
N LYS B 44 34.82 -6.70 -15.50
CA LYS B 44 36.12 -7.26 -15.15
C LYS B 44 36.27 -7.27 -13.62
N PRO B 45 37.09 -8.18 -13.07
CA PRO B 45 37.21 -8.27 -11.61
C PRO B 45 37.57 -6.96 -10.92
N GLY B 46 36.87 -6.65 -9.84
CA GLY B 46 37.14 -5.43 -9.09
C GLY B 46 36.71 -4.12 -9.74
N GLN B 47 36.02 -4.21 -10.88
CA GLN B 47 35.55 -3.03 -11.61
C GLN B 47 34.04 -3.02 -11.80
N SER B 48 33.48 -1.84 -12.01
CA SER B 48 32.07 -1.70 -12.36
CA SER B 48 32.07 -1.70 -12.36
C SER B 48 31.84 -2.21 -13.78
N PRO B 49 30.61 -2.65 -14.09
CA PRO B 49 30.31 -3.09 -15.47
C PRO B 49 30.44 -1.95 -16.47
N LYS B 50 30.77 -2.29 -17.72
CA LYS B 50 30.82 -1.32 -18.83
C LYS B 50 29.92 -1.81 -19.96
N LEU B 51 29.26 -0.86 -20.60
CA LEU B 51 28.31 -1.16 -21.66
C LEU B 51 29.01 -1.55 -22.96
N LEU B 52 28.48 -2.59 -23.61
CA LEU B 52 28.95 -3.00 -24.94
C LEU B 52 27.89 -2.70 -25.99
N ILE B 53 26.67 -3.15 -25.73
CA ILE B 53 25.60 -3.17 -26.75
C ILE B 53 24.30 -2.68 -26.09
N TYR B 54 23.53 -1.85 -26.80
CA TYR B 54 22.19 -1.49 -26.32
C TYR B 54 21.14 -1.64 -27.43
N LYS B 55 19.86 -1.66 -27.07
CA LYS B 55 18.78 -1.90 -28.04
C LYS B 55 19.12 -3.05 -29.01
N VAL B 56 19.49 -4.19 -28.40
CA VAL B 56 19.78 -5.47 -29.08
C VAL B 56 21.08 -5.48 -29.85
N SER B 57 21.31 -4.49 -30.70
CA SER B 57 22.40 -4.58 -31.67
C SER B 57 23.23 -3.30 -31.87
N ASN B 58 22.90 -2.24 -31.13
N ASN B 58 22.93 -2.25 -31.12
CA ASN B 58 23.63 -0.98 -31.22
CA ASN B 58 23.66 -0.99 -31.28
C ASN B 58 24.92 -1.09 -30.42
C ASN B 58 24.90 -0.97 -30.41
N ARG B 59 26.07 -0.87 -31.07
CA ARG B 59 27.34 -0.85 -30.35
C ARG B 59 27.56 0.52 -29.69
N PHE B 60 27.99 0.53 -28.43
CA PHE B 60 28.33 1.78 -27.77
C PHE B 60 29.62 2.37 -28.35
N SER B 61 29.85 3.66 -28.14
CA SER B 61 31.02 4.35 -28.69
CA SER B 61 31.03 4.35 -28.68
C SER B 61 32.28 3.55 -28.43
N GLY B 62 33.02 3.30 -29.51
CA GLY B 62 34.33 2.67 -29.46
C GLY B 62 34.31 1.16 -29.46
N VAL B 63 33.12 0.57 -29.39
CA VAL B 63 33.02 -0.90 -29.33
C VAL B 63 33.07 -1.46 -30.76
N PRO B 64 34.12 -2.28 -31.07
CA PRO B 64 34.38 -2.65 -32.49
C PRO B 64 33.36 -3.58 -33.13
N ASP B 65 33.34 -3.61 -34.46
CA ASP B 65 32.46 -4.48 -35.25
C ASP B 65 32.39 -5.90 -34.66
N ARG B 66 33.52 -6.38 -34.13
CA ARG B 66 33.63 -7.79 -33.67
C ARG B 66 32.74 -8.17 -32.48
N PHE B 67 32.25 -7.18 -31.72
CA PHE B 67 31.20 -7.43 -30.74
C PHE B 67 29.87 -7.21 -31.46
N SER B 68 29.08 -8.27 -31.63
CA SER B 68 27.83 -8.21 -32.39
C SER B 68 26.67 -8.71 -31.54
N GLY B 69 25.61 -7.92 -31.44
CA GLY B 69 24.42 -8.36 -30.70
C GLY B 69 23.29 -8.62 -31.67
N SER B 70 22.52 -9.65 -31.41
CA SER B 70 21.41 -9.96 -32.31
C SER B 70 20.28 -10.59 -31.55
N GLY B 71 19.18 -10.88 -32.27
CA GLY B 71 18.06 -11.63 -31.71
C GLY B 71 16.79 -10.81 -31.67
N SER B 72 15.72 -11.43 -31.22
CA SER B 72 14.42 -10.78 -31.17
C SER B 72 13.53 -11.52 -30.20
N GLY B 73 12.52 -10.83 -29.67
CA GLY B 73 11.49 -11.45 -28.84
C GLY B 73 12.03 -11.93 -27.50
N THR B 74 12.26 -13.24 -27.40
CA THR B 74 12.75 -13.85 -26.15
C THR B 74 14.16 -14.41 -26.26
N ASP B 75 14.78 -14.29 -27.43
CA ASP B 75 16.08 -14.95 -27.62
C ASP B 75 17.09 -14.03 -28.26
N PHE B 76 18.19 -13.83 -27.54
CA PHE B 76 19.22 -12.87 -27.94
C PHE B 76 20.60 -13.49 -27.85
N THR B 77 21.53 -12.99 -28.64
CA THR B 77 22.86 -13.57 -28.74
C THR B 77 23.88 -12.46 -28.79
N LEU B 78 24.98 -12.62 -28.07
CA LEU B 78 26.13 -11.77 -28.24
C LEU B 78 27.21 -12.65 -28.85
N LYS B 79 27.75 -12.21 -29.98
CA LYS B 79 28.88 -12.89 -30.60
C LYS B 79 30.10 -12.01 -30.50
N ILE B 80 31.19 -12.57 -30.00
CA ILE B 80 32.47 -11.89 -29.97
C ILE B 80 33.39 -12.62 -30.93
N SER B 81 33.66 -12.04 -32.08
N SER B 81 33.67 -12.02 -32.07
CA SER B 81 34.54 -12.67 -33.05
CA SER B 81 34.54 -12.64 -33.06
C SER B 81 35.98 -12.26 -32.75
C SER B 81 35.98 -12.24 -32.77
N ARG B 82 36.92 -13.05 -33.24
CA ARG B 82 38.36 -12.79 -33.11
C ARG B 82 38.74 -12.40 -31.67
N VAL B 83 38.45 -13.30 -30.74
CA VAL B 83 38.67 -13.06 -29.31
C VAL B 83 40.10 -12.64 -28.99
N GLU B 84 40.23 -11.63 -28.14
CA GLU B 84 41.54 -11.16 -27.69
C GLU B 84 41.70 -11.46 -26.21
N ALA B 85 42.95 -11.50 -25.73
CA ALA B 85 43.24 -11.86 -24.34
C ALA B 85 42.48 -11.00 -23.36
N GLU B 86 42.37 -9.71 -23.69
CA GLU B 86 41.72 -8.72 -22.84
C GLU B 86 40.19 -8.83 -22.77
N ASP B 87 39.59 -9.73 -23.56
CA ASP B 87 38.13 -9.90 -23.59
C ASP B 87 37.58 -10.72 -22.41
N LEU B 88 38.47 -11.28 -21.60
CA LEU B 88 38.04 -12.08 -20.46
C LEU B 88 37.23 -11.25 -19.46
N GLY B 89 36.32 -11.92 -18.76
CA GLY B 89 35.43 -11.23 -17.82
C GLY B 89 34.05 -11.84 -17.88
N VAL B 90 33.11 -11.23 -17.18
CA VAL B 90 31.76 -11.74 -17.12
C VAL B 90 30.84 -10.86 -17.96
N TYR B 91 30.17 -11.49 -18.92
CA TYR B 91 29.23 -10.78 -19.81
C TYR B 91 27.81 -10.97 -19.32
N TYR B 92 27.08 -9.86 -19.19
CA TYR B 92 25.70 -9.88 -18.70
C TYR B 92 24.77 -9.31 -19.74
N CYS B 93 23.70 -10.03 -20.04
CA CYS B 93 22.59 -9.39 -20.75
C CYS B 93 21.69 -8.71 -19.75
N PHE B 94 20.79 -7.87 -20.26
CA PHE B 94 19.95 -7.03 -19.40
C PHE B 94 18.73 -6.64 -20.21
N GLN B 95 17.56 -6.65 -19.57
CA GLN B 95 16.36 -6.13 -20.26
C GLN B 95 15.89 -4.89 -19.54
N GLY B 96 15.74 -3.82 -20.32
CA GLY B 96 15.23 -2.54 -19.86
C GLY B 96 13.89 -2.19 -20.46
N SER B 97 13.11 -3.21 -20.82
CA SER B 97 11.76 -2.98 -21.37
C SER B 97 10.67 -2.98 -20.30
N HIS B 98 10.73 -3.95 -19.40
CA HIS B 98 9.65 -4.18 -18.45
C HIS B 98 10.10 -3.94 -17.05
N VAL B 99 9.45 -2.97 -16.40
CA VAL B 99 9.72 -2.64 -15.01
C VAL B 99 9.24 -3.80 -14.11
N PRO B 100 10.09 -4.24 -13.16
CA PRO B 100 11.47 -3.78 -12.91
C PRO B 100 12.50 -4.41 -13.84
N PHE B 101 13.45 -3.61 -14.31
CA PHE B 101 14.49 -4.09 -15.23
C PHE B 101 15.32 -5.17 -14.57
N THR B 102 15.86 -6.09 -15.37
CA THR B 102 16.57 -7.24 -14.80
C THR B 102 17.82 -7.63 -15.58
N PHE B 103 18.85 -8.05 -14.84
CA PHE B 103 20.08 -8.59 -15.44
C PHE B 103 19.97 -10.09 -15.64
N GLY B 104 20.63 -10.55 -16.71
CA GLY B 104 20.93 -11.96 -16.93
C GLY B 104 21.88 -12.52 -15.89
N SER B 105 22.05 -13.83 -15.87
N SER B 105 22.07 -13.82 -15.95
CA SER B 105 22.80 -14.46 -14.79
CA SER B 105 22.76 -14.58 -14.92
C SER B 105 24.32 -14.27 -14.94
C SER B 105 24.29 -14.54 -15.06
N GLY B 106 24.76 -13.93 -16.15
CA GLY B 106 26.20 -13.77 -16.44
C GLY B 106 26.84 -14.98 -17.08
N THR B 107 27.79 -14.71 -17.97
CA THR B 107 28.61 -15.74 -18.61
C THR B 107 30.07 -15.33 -18.50
N LYS B 108 30.88 -16.19 -17.87
CA LYS B 108 32.30 -15.91 -17.69
C LYS B 108 33.07 -16.39 -18.89
N LEU B 109 33.67 -15.46 -19.63
CA LEU B 109 34.51 -15.84 -20.76
C LEU B 109 35.93 -16.07 -20.23
N GLU B 110 36.47 -17.24 -20.50
CA GLU B 110 37.82 -17.60 -20.08
C GLU B 110 38.68 -17.86 -21.32
N ILE B 111 39.97 -17.56 -21.23
CA ILE B 111 40.84 -17.73 -22.39
C ILE B 111 41.58 -19.06 -22.35
N LYS B 112 41.54 -19.78 -23.47
CA LYS B 112 42.36 -20.96 -23.64
C LYS B 112 43.70 -20.56 -24.24
N ARG B 113 44.78 -21.17 -23.76
CA ARG B 113 46.12 -20.88 -24.28
C ARG B 113 46.99 -22.10 -24.10
N ALA B 114 48.25 -21.98 -24.55
CA ALA B 114 49.24 -23.07 -24.49
C ALA B 114 49.56 -23.40 -23.03
N ASP B 115 49.76 -24.67 -22.72
CA ASP B 115 50.14 -25.03 -21.34
C ASP B 115 51.46 -24.36 -20.96
N ALA B 116 51.58 -23.97 -19.69
CA ALA B 116 52.80 -23.35 -19.15
C ALA B 116 53.04 -23.88 -17.74
N ALA B 117 54.30 -24.19 -17.42
CA ALA B 117 54.64 -24.68 -16.09
C ALA B 117 54.79 -23.50 -15.11
N PRO B 118 54.50 -23.74 -13.82
CA PRO B 118 54.65 -22.64 -12.86
C PRO B 118 56.12 -22.28 -12.61
N THR B 119 56.37 -21.00 -12.38
CA THR B 119 57.64 -20.50 -11.84
C THR B 119 57.46 -20.51 -10.32
N VAL B 120 58.26 -21.32 -9.63
CA VAL B 120 58.04 -21.57 -8.22
C VAL B 120 59.16 -20.93 -7.40
N SER B 121 58.77 -20.20 -6.35
N SER B 121 58.78 -20.18 -6.37
CA SER B 121 59.72 -19.52 -5.44
CA SER B 121 59.75 -19.62 -5.44
C SER B 121 59.33 -19.72 -3.98
C SER B 121 59.30 -19.90 -4.02
N ILE B 122 60.27 -20.14 -3.15
CA ILE B 122 60.02 -20.39 -1.73
C ILE B 122 60.74 -19.35 -0.87
N PHE B 123 60.08 -18.92 0.18
CA PHE B 123 60.59 -17.90 1.09
C PHE B 123 60.50 -18.35 2.52
N PRO B 124 61.65 -18.42 3.21
CA PRO B 124 61.67 -18.65 4.65
C PRO B 124 60.97 -17.51 5.40
N PRO B 125 60.59 -17.75 6.67
CA PRO B 125 59.98 -16.66 7.44
C PRO B 125 60.89 -15.46 7.50
N SER B 126 60.30 -14.27 7.46
N SER B 126 60.28 -14.27 7.47
CA SER B 126 61.06 -13.05 7.69
CA SER B 126 60.97 -13.02 7.75
C SER B 126 61.55 -13.00 9.14
C SER B 126 61.54 -13.00 9.17
N SER B 127 62.73 -12.43 9.33
CA SER B 127 63.31 -12.28 10.67
C SER B 127 62.36 -11.46 11.54
N GLU B 128 61.67 -10.52 10.91
CA GLU B 128 60.68 -9.70 11.61
C GLU B 128 59.49 -10.50 12.13
N GLN B 129 59.01 -11.45 11.34
CA GLN B 129 57.92 -12.29 11.82
C GLN B 129 58.37 -13.20 12.98
N LEU B 130 59.56 -13.78 12.86
CA LEU B 130 60.12 -14.65 13.88
C LEU B 130 60.31 -13.93 15.21
N THR B 131 60.74 -12.67 15.16
CA THR B 131 60.83 -11.85 16.36
C THR B 131 59.49 -11.80 17.09
N SER B 132 58.39 -11.68 16.34
CA SER B 132 57.07 -11.64 16.96
C SER B 132 56.50 -13.01 17.37
N GLY B 133 57.23 -14.09 17.06
CA GLY B 133 56.85 -15.43 17.52
C GLY B 133 56.19 -16.33 16.49
N GLY B 134 56.00 -15.81 15.28
CA GLY B 134 55.33 -16.55 14.21
C GLY B 134 56.29 -16.95 13.12
N ALA B 135 55.91 -17.96 12.33
CA ALA B 135 56.76 -18.42 11.24
C ALA B 135 55.94 -18.89 10.05
N SER B 136 55.83 -18.02 9.04
CA SER B 136 55.15 -18.39 7.81
C SER B 136 56.17 -18.64 6.72
N VAL B 137 56.02 -19.77 6.04
CA VAL B 137 56.80 -20.10 4.87
C VAL B 137 55.89 -19.90 3.66
N VAL B 138 56.38 -19.14 2.67
CA VAL B 138 55.57 -18.73 1.53
C VAL B 138 56.11 -19.34 0.25
N CYS B 139 55.20 -19.89 -0.54
N CYS B 139 55.22 -19.91 -0.56
CA CYS B 139 55.53 -20.42 -1.84
CA CYS B 139 55.61 -20.46 -1.84
C CYS B 139 54.67 -19.72 -2.87
C CYS B 139 54.70 -19.87 -2.94
N PHE B 140 55.30 -19.18 -3.89
CA PHE B 140 54.57 -18.61 -5.04
C PHE B 140 54.69 -19.55 -6.21
N LEU B 141 53.57 -19.82 -6.88
CA LEU B 141 53.56 -20.68 -8.07
C LEU B 141 52.98 -19.81 -9.17
N ASN B 142 53.85 -19.21 -9.98
CA ASN B 142 53.41 -18.12 -10.85
C ASN B 142 53.36 -18.45 -12.34
N ASN B 143 52.35 -17.87 -12.98
CA ASN B 143 52.19 -17.84 -14.45
C ASN B 143 52.13 -19.19 -15.11
N PHE B 144 51.19 -20.02 -14.65
CA PHE B 144 50.98 -21.35 -15.21
C PHE B 144 49.64 -21.48 -15.94
N TYR B 145 49.52 -22.55 -16.72
CA TYR B 145 48.28 -22.88 -17.43
C TYR B 145 48.29 -24.39 -17.74
N PRO B 146 47.16 -25.10 -17.48
CA PRO B 146 45.85 -24.65 -16.99
C PRO B 146 45.80 -24.36 -15.49
N LYS B 147 44.62 -23.95 -15.03
N LYS B 147 44.63 -23.94 -15.02
CA LYS B 147 44.44 -23.48 -13.65
CA LYS B 147 44.47 -23.48 -13.65
C LYS B 147 44.63 -24.56 -12.59
C LYS B 147 44.66 -24.55 -12.58
N ASP B 148 44.36 -25.82 -12.93
CA ASP B 148 44.43 -26.94 -12.00
C ASP B 148 45.85 -27.25 -11.57
N ILE B 149 46.06 -27.39 -10.26
CA ILE B 149 47.40 -27.62 -9.74
C ILE B 149 47.29 -28.24 -8.35
N ASN B 150 48.33 -28.96 -7.95
CA ASN B 150 48.46 -29.51 -6.60
C ASN B 150 49.72 -28.90 -5.96
N VAL B 151 49.59 -28.41 -4.73
CA VAL B 151 50.75 -27.96 -3.96
C VAL B 151 50.83 -28.84 -2.72
N LYS B 152 52.04 -29.26 -2.37
CA LYS B 152 52.27 -30.11 -1.20
C LYS B 152 53.46 -29.57 -0.44
N TRP B 153 53.31 -29.47 0.89
CA TRP B 153 54.41 -29.10 1.77
C TRP B 153 55.03 -30.30 2.40
N LYS B 154 56.35 -30.27 2.49
CA LYS B 154 57.10 -31.31 3.18
C LYS B 154 58.06 -30.68 4.18
N ILE B 155 58.15 -31.29 5.35
CA ILE B 155 59.06 -30.83 6.40
C ILE B 155 59.92 -32.01 6.81
N ASP B 156 61.23 -31.87 6.60
CA ASP B 156 62.16 -32.97 6.78
C ASP B 156 61.64 -34.27 6.14
N GLY B 157 61.15 -34.14 4.91
CA GLY B 157 60.70 -35.29 4.12
C GLY B 157 59.29 -35.79 4.38
N SER B 158 58.65 -35.24 5.42
CA SER B 158 57.30 -35.65 5.79
CA SER B 158 57.30 -35.66 5.79
C SER B 158 56.24 -34.65 5.32
N GLU B 159 55.19 -35.15 4.70
CA GLU B 159 54.10 -34.30 4.22
C GLU B 159 53.45 -33.55 5.38
N ARG B 160 53.23 -32.25 5.18
CA ARG B 160 52.62 -31.39 6.18
C ARG B 160 51.25 -30.96 5.70
N GLN B 161 50.22 -31.42 6.39
CA GLN B 161 48.84 -31.18 5.97
C GLN B 161 48.24 -29.92 6.60
N ASN B 162 48.55 -29.66 7.86
CA ASN B 162 47.89 -28.59 8.63
C ASN B 162 48.61 -27.24 8.57
N GLY B 163 47.83 -26.17 8.64
CA GLY B 163 48.39 -24.81 8.75
C GLY B 163 48.68 -24.14 7.42
N VAL B 164 48.10 -24.68 6.35
CA VAL B 164 48.32 -24.17 5.00
C VAL B 164 47.13 -23.34 4.54
N LEU B 165 47.41 -22.18 3.96
CA LEU B 165 46.40 -21.36 3.29
C LEU B 165 46.79 -21.07 1.84
N ASN B 166 45.87 -21.34 0.94
CA ASN B 166 46.13 -21.15 -0.48
C ASN B 166 45.25 -20.06 -1.08
N SER B 167 45.80 -19.34 -2.04
CA SER B 167 45.04 -18.31 -2.75
C SER B 167 45.38 -18.30 -4.22
N TRP B 168 44.35 -18.06 -5.05
CA TRP B 168 44.49 -18.10 -6.51
C TRP B 168 44.13 -16.78 -7.14
N THR B 169 44.95 -16.30 -8.07
CA THR B 169 44.62 -15.09 -8.83
C THR B 169 43.58 -15.40 -9.91
N ASP B 170 42.85 -14.36 -10.31
CA ASP B 170 42.05 -14.42 -11.55
C ASP B 170 42.97 -14.58 -12.74
N GLN B 171 42.44 -15.12 -13.84
CA GLN B 171 43.25 -15.27 -15.06
C GLN B 171 43.85 -13.93 -15.51
N ASP B 172 45.12 -13.93 -15.90
CA ASP B 172 45.82 -12.71 -16.32
C ASP B 172 45.27 -12.16 -17.64
N SER B 173 45.01 -10.85 -17.67
CA SER B 173 44.37 -10.24 -18.84
C SER B 173 45.32 -10.12 -20.03
N LYS B 174 46.62 -10.24 -19.78
CA LYS B 174 47.62 -10.09 -20.84
C LYS B 174 48.19 -11.41 -21.34
N ASP B 175 48.58 -12.30 -20.43
CA ASP B 175 49.17 -13.58 -20.85
C ASP B 175 48.28 -14.80 -20.56
N SER B 176 47.07 -14.56 -20.05
CA SER B 176 46.05 -15.61 -19.87
C SER B 176 46.48 -16.75 -18.93
N THR B 177 47.49 -16.50 -18.09
CA THR B 177 47.95 -17.51 -17.12
C THR B 177 47.29 -17.33 -15.76
N TYR B 178 47.57 -18.28 -14.88
CA TYR B 178 47.09 -18.28 -13.50
C TYR B 178 48.28 -18.30 -12.57
N SER B 179 48.08 -17.81 -11.35
CA SER B 179 49.09 -17.90 -10.28
C SER B 179 48.45 -18.32 -8.97
N MET B 180 49.27 -18.84 -8.07
CA MET B 180 48.80 -19.33 -6.80
C MET B 180 49.83 -19.06 -5.73
N SER B 181 49.38 -18.74 -4.53
N SER B 181 49.37 -18.72 -4.54
CA SER B 181 50.28 -18.55 -3.38
CA SER B 181 50.24 -18.59 -3.39
C SER B 181 49.88 -19.51 -2.27
C SER B 181 49.87 -19.70 -2.41
N SER B 182 50.87 -20.23 -1.73
CA SER B 182 50.62 -21.18 -0.65
C SER B 182 51.44 -20.76 0.55
N THR B 183 50.79 -20.63 1.71
CA THR B 183 51.45 -20.13 2.92
C THR B 183 51.28 -21.13 4.06
N LEU B 184 52.39 -21.63 4.59
CA LEU B 184 52.36 -22.57 5.69
C LEU B 184 52.75 -21.80 6.93
N THR B 185 51.84 -21.72 7.91
CA THR B 185 52.14 -20.96 9.13
C THR B 185 52.31 -21.91 10.31
N LEU B 186 53.45 -21.78 10.97
CA LEU B 186 53.78 -22.51 12.19
C LEU B 186 54.08 -21.51 13.30
N THR B 187 54.15 -22.00 14.54
CA THR B 187 54.73 -21.23 15.64
C THR B 187 56.24 -21.22 15.42
N LYS B 188 56.92 -20.21 15.95
CA LYS B 188 58.38 -20.22 15.87
C LYS B 188 58.94 -21.50 16.51
N ASP B 189 58.39 -21.91 17.65
CA ASP B 189 58.87 -23.12 18.35
C ASP B 189 58.81 -24.35 17.45
N GLU B 190 57.69 -24.54 16.75
CA GLU B 190 57.53 -25.67 15.83
C GLU B 190 58.49 -25.53 14.64
N TYR B 191 58.62 -24.32 14.12
CA TYR B 191 59.53 -24.06 13.01
C TYR B 191 60.97 -24.48 13.35
N GLU B 192 61.37 -24.23 14.60
CA GLU B 192 62.74 -24.54 15.03
C GLU B 192 62.99 -26.02 15.35
N ARG B 193 61.96 -26.85 15.23
CA ARG B 193 62.10 -28.30 15.50
C ARG B 193 62.52 -29.08 14.25
N HIS B 194 62.56 -28.38 13.12
CA HIS B 194 62.83 -29.03 11.84
C HIS B 194 63.81 -28.25 11.02
N ASN B 195 64.38 -28.90 10.00
CA ASN B 195 65.41 -28.28 9.21
C ASN B 195 65.01 -27.97 7.77
N SER B 196 64.56 -29.00 7.07
CA SER B 196 64.26 -28.89 5.65
C SER B 196 62.78 -28.57 5.40
N TYR B 197 62.55 -27.51 4.63
CA TYR B 197 61.20 -27.08 4.22
C TYR B 197 61.09 -27.06 2.71
N THR B 198 60.05 -27.71 2.18
CA THR B 198 59.88 -27.93 0.75
C THR B 198 58.46 -27.65 0.31
N CYS B 199 58.37 -26.94 -0.82
N CYS B 199 58.29 -26.89 -0.78
CA CYS B 199 57.13 -26.71 -1.56
CA CYS B 199 56.98 -26.85 -1.44
C CYS B 199 57.22 -27.57 -2.84
C CYS B 199 57.13 -27.50 -2.82
N GLU B 200 56.20 -28.40 -3.10
CA GLU B 200 56.22 -29.24 -4.31
C GLU B 200 55.00 -28.93 -5.15
N ALA B 201 55.23 -28.59 -6.41
CA ALA B 201 54.13 -28.23 -7.31
C ALA B 201 53.95 -29.33 -8.35
N THR B 202 52.75 -29.89 -8.42
CA THR B 202 52.46 -30.95 -9.37
C THR B 202 51.43 -30.42 -10.35
N HIS B 203 51.78 -30.43 -11.63
CA HIS B 203 51.00 -29.75 -12.67
C HIS B 203 51.08 -30.58 -13.93
N LYS B 204 50.02 -30.56 -14.75
CA LYS B 204 49.98 -31.46 -15.92
C LYS B 204 51.17 -31.32 -16.88
N THR B 205 51.83 -30.16 -16.83
CA THR B 205 52.97 -29.88 -17.73
C THR B 205 54.15 -30.83 -17.61
N SER B 206 54.28 -31.48 -16.45
CA SER B 206 55.34 -32.45 -16.25
C SER B 206 54.90 -33.55 -15.30
N THR B 207 55.33 -34.78 -15.58
CA THR B 207 55.05 -35.90 -14.69
C THR B 207 55.81 -35.76 -13.36
N SER B 208 56.91 -35.01 -13.36
CA SER B 208 57.68 -34.81 -12.14
C SER B 208 57.32 -33.48 -11.51
N PRO B 209 57.17 -33.44 -10.17
CA PRO B 209 56.85 -32.16 -9.58
C PRO B 209 58.03 -31.18 -9.59
N ILE B 210 57.73 -29.89 -9.53
CA ILE B 210 58.72 -28.84 -9.36
C ILE B 210 58.91 -28.68 -7.85
N VAL B 211 60.16 -28.81 -7.40
CA VAL B 211 60.47 -28.88 -5.98
C VAL B 211 61.41 -27.74 -5.59
N LYS B 212 60.97 -26.89 -4.68
CA LYS B 212 61.80 -25.82 -4.12
C LYS B 212 61.92 -26.02 -2.63
N SER B 213 63.15 -25.91 -2.11
N SER B 213 63.15 -25.93 -2.13
CA SER B 213 63.43 -26.27 -0.72
CA SER B 213 63.45 -26.23 -0.74
C SER B 213 64.56 -25.45 -0.12
C SER B 213 64.42 -25.22 -0.14
N PHE B 214 64.47 -25.19 1.18
CA PHE B 214 65.56 -24.56 1.92
C PHE B 214 65.76 -25.29 3.23
N ASN B 215 66.95 -25.12 3.81
CA ASN B 215 67.25 -25.61 5.14
C ASN B 215 67.34 -24.44 6.09
N ARG B 216 66.61 -24.53 7.20
CA ARG B 216 66.59 -23.50 8.23
C ARG B 216 68.01 -23.34 8.75
N ASN B 217 68.41 -22.09 8.94
CA ASN B 217 69.80 -21.74 9.30
C ASN B 217 70.83 -22.31 8.30
N GLU B 218 70.93 -21.63 7.16
CA GLU B 218 71.85 -22.00 6.09
C GLU B 218 73.08 -21.10 6.07
N ASP C 1 -0.34 13.46 -35.77
CA ASP C 1 -1.02 14.00 -34.56
C ASP C 1 -0.22 13.63 -33.29
N CYS C 2 -0.01 14.60 -32.41
CA CYS C 2 0.78 14.38 -31.19
C CYS C 2 0.11 13.36 -30.25
N LEU C 3 0.92 12.75 -29.38
CA LEU C 3 0.46 11.69 -28.50
C LEU C 3 -0.03 12.20 -27.15
N GLY C 4 -1.23 11.77 -26.76
CA GLY C 4 -1.82 12.17 -25.48
C GLY C 4 -1.35 11.37 -24.29
N MET C 5 -1.90 11.68 -23.11
CA MET C 5 -1.51 11.04 -21.85
C MET C 5 -1.62 9.52 -21.90
N PHE C 6 -0.56 8.86 -21.42
CA PHE C 6 -0.51 7.40 -21.28
C PHE C 6 -0.51 6.62 -22.60
N LYS C 7 -0.29 7.31 -23.72
CA LYS C 7 -0.07 6.63 -24.99
C LYS C 7 1.40 6.21 -25.10
N SER C 8 1.67 5.05 -25.70
CA SER C 8 3.06 4.58 -25.88
C SER C 8 3.85 5.58 -26.70
N CYS C 9 5.10 5.79 -26.31
CA CYS C 9 5.96 6.78 -26.95
C CYS C 9 7.39 6.30 -26.92
N ASP C 10 8.25 7.04 -27.61
CA ASP C 10 9.67 6.74 -27.67
C ASP C 10 10.43 7.95 -27.15
N PRO C 11 11.11 7.82 -25.99
CA PRO C 11 11.85 8.96 -25.45
C PRO C 11 12.90 9.56 -26.40
N GLU C 12 13.42 8.75 -27.33
CA GLU C 12 14.46 9.22 -28.25
C GLU C 12 13.88 10.03 -29.42
N ASN C 13 12.57 9.88 -29.63
CA ASN C 13 11.85 10.55 -30.72
C ASN C 13 10.45 10.87 -30.20
N ASP C 14 10.42 11.79 -29.25
CA ASP C 14 9.30 12.00 -28.35
C ASP C 14 8.21 12.82 -29.03
N LYS C 15 7.09 12.16 -29.33
CA LYS C 15 5.98 12.81 -30.03
C LYS C 15 4.81 13.13 -29.10
N CYS C 16 5.05 13.12 -27.80
CA CYS C 16 4.01 13.49 -26.82
C CYS C 16 3.60 14.94 -27.02
N CYS C 17 2.34 15.22 -26.77
CA CYS C 17 1.80 16.56 -26.97
C CYS C 17 2.48 17.57 -26.06
N LYS C 18 2.24 18.85 -26.34
CA LYS C 18 2.80 19.93 -25.53
C LYS C 18 2.46 19.71 -24.06
N ARG C 19 3.41 20.03 -23.18
CA ARG C 19 3.27 19.89 -21.72
C ARG C 19 3.43 18.45 -21.23
N LEU C 20 3.56 17.51 -22.15
CA LEU C 20 3.80 16.10 -21.81
C LEU C 20 5.22 15.69 -22.17
N VAL C 21 5.67 14.59 -21.58
CA VAL C 21 7.00 14.06 -21.86
C VAL C 21 6.97 12.53 -21.83
N CYS C 22 7.81 11.89 -22.63
CA CYS C 22 7.80 10.43 -22.66
C CYS C 22 8.53 9.89 -21.43
N SER C 23 7.82 9.14 -20.59
CA SER C 23 8.41 8.52 -19.40
C SER C 23 9.53 7.56 -19.79
N ARG C 24 10.64 7.60 -19.05
CA ARG C 24 11.76 6.69 -19.32
C ARG C 24 11.53 5.32 -18.71
N SER C 25 10.73 5.27 -17.64
CA SER C 25 10.47 4.00 -16.97
C SER C 25 9.39 3.22 -17.72
N HIS C 26 8.34 3.90 -18.16
CA HIS C 26 7.16 3.25 -18.74
C HIS C 26 7.04 3.43 -20.22
N ARG C 27 7.72 4.44 -20.74
CA ARG C 27 7.61 4.87 -22.14
C ARG C 27 6.16 5.05 -22.57
N TRP C 28 5.44 5.80 -21.75
CA TRP C 28 4.17 6.40 -22.17
C TRP C 28 4.21 7.86 -21.80
N CYS C 29 3.35 8.67 -22.45
CA CYS C 29 3.35 10.11 -22.22
C CYS C 29 2.83 10.43 -20.82
N LYS C 30 3.59 11.22 -20.09
CA LYS C 30 3.19 11.68 -18.75
C LYS C 30 3.34 13.19 -18.67
N TRP C 31 2.84 13.78 -17.60
CA TRP C 31 2.96 15.21 -17.39
C TRP C 31 4.39 15.60 -17.15
N LYS C 32 4.86 16.61 -17.89
CA LYS C 32 6.21 17.15 -17.72
C LYS C 32 6.29 17.98 -16.43
N LEU C 33 7.10 17.49 -15.49
CA LEU C 33 7.35 18.16 -14.22
C LEU C 33 8.17 19.44 -14.44
N ASP D 1 -0.30 31.19 -16.69
CA ASP D 1 -0.05 29.78 -17.10
C ASP D 1 -0.92 28.81 -16.30
N CYS D 2 -1.58 27.89 -17.00
CA CYS D 2 -2.45 26.91 -16.35
C CYS D 2 -1.67 26.03 -15.36
N LEU D 3 -2.39 25.38 -14.46
CA LEU D 3 -1.78 24.57 -13.40
C LEU D 3 -1.50 23.14 -13.83
N GLY D 4 -0.30 22.66 -13.52
CA GLY D 4 0.13 21.33 -13.89
C GLY D 4 -0.24 20.26 -12.89
N MET D 5 0.15 19.02 -13.20
CA MET D 5 -0.17 17.86 -12.38
C MET D 5 0.23 18.08 -10.91
N PHE D 6 -0.68 17.73 -10.01
CA PHE D 6 -0.48 17.80 -8.55
C PHE D 6 -0.35 19.22 -7.93
N LYS D 7 -0.61 20.25 -8.73
CA LYS D 7 -0.63 21.61 -8.21
C LYS D 7 -1.96 21.90 -7.51
N SER D 8 -1.88 22.55 -6.35
CA SER D 8 -3.05 22.90 -5.56
C SER D 8 -4.00 23.77 -6.39
N CYS D 9 -5.30 23.44 -6.35
CA CYS D 9 -6.28 24.12 -7.20
C CYS D 9 -7.62 24.31 -6.50
N ASP D 10 -8.53 25.02 -7.15
CA ASP D 10 -9.87 25.23 -6.60
C ASP D 10 -10.87 24.72 -7.65
N PRO D 11 -11.58 23.62 -7.36
CA PRO D 11 -12.52 23.10 -8.36
C PRO D 11 -13.57 24.13 -8.84
N GLU D 12 -13.91 25.09 -7.99
CA GLU D 12 -14.91 26.11 -8.34
C GLU D 12 -14.38 27.14 -9.33
N ASN D 13 -13.06 27.19 -9.45
CA ASN D 13 -12.39 28.11 -10.34
C ASN D 13 -11.18 27.36 -10.90
N ASP D 14 -11.49 26.30 -11.67
CA ASP D 14 -10.51 25.26 -12.04
C ASP D 14 -9.55 25.78 -13.11
N LYS D 15 -8.30 25.96 -12.70
CA LYS D 15 -7.25 26.51 -13.56
C LYS D 15 -6.26 25.44 -14.03
N CYS D 16 -6.59 24.18 -13.78
CA CYS D 16 -5.76 23.07 -14.27
C CYS D 16 -5.72 23.08 -15.79
N CYS D 17 -4.56 22.75 -16.34
CA CYS D 17 -4.36 22.71 -17.79
C CYS D 17 -5.33 21.75 -18.46
N LYS D 18 -5.51 21.91 -19.78
CA LYS D 18 -6.23 20.94 -20.60
C LYS D 18 -5.61 19.56 -20.41
N ARG D 19 -6.46 18.54 -20.37
CA ARG D 19 -6.09 17.14 -20.07
C ARG D 19 -6.18 16.82 -18.58
N LEU D 20 -6.18 17.86 -17.75
CA LEU D 20 -6.21 17.72 -16.30
C LEU D 20 -7.52 18.22 -15.74
N VAL D 21 -7.80 17.87 -14.50
CA VAL D 21 -8.98 18.34 -13.78
C VAL D 21 -8.58 18.58 -12.33
N CYS D 22 -9.17 19.57 -11.68
CA CYS D 22 -8.92 19.77 -10.26
C CYS D 22 -9.63 18.65 -9.48
N SER D 23 -8.84 17.82 -8.81
CA SER D 23 -9.40 16.67 -8.10
C SER D 23 -10.40 17.13 -7.04
N ARG D 24 -11.61 16.59 -7.05
CA ARG D 24 -12.58 16.90 -6.00
C ARG D 24 -12.27 16.20 -4.66
N SER D 25 -11.34 15.26 -4.66
CA SER D 25 -10.87 14.66 -3.42
C SER D 25 -9.78 15.49 -2.77
N HIS D 26 -8.65 15.65 -3.46
CA HIS D 26 -7.47 16.28 -2.88
C HIS D 26 -7.33 17.74 -3.20
N ARG D 27 -8.03 18.16 -4.23
CA ARG D 27 -7.95 19.52 -4.80
C ARG D 27 -6.53 19.88 -5.21
N TRP D 28 -5.94 18.96 -5.97
CA TRP D 28 -4.79 19.26 -6.80
C TRP D 28 -5.10 18.71 -8.16
N CYS D 29 -4.40 19.17 -9.19
CA CYS D 29 -4.72 18.74 -10.56
C CYS D 29 -4.34 17.28 -10.77
N LYS D 30 -5.25 16.52 -11.36
CA LYS D 30 -4.98 15.13 -11.77
C LYS D 30 -5.41 14.90 -13.22
N TRP D 31 -5.10 13.73 -13.77
CA TRP D 31 -5.50 13.42 -15.15
C TRP D 31 -6.98 13.20 -15.22
N LYS D 32 -7.62 13.71 -16.27
CA LYS D 32 -9.04 13.44 -16.49
C LYS D 32 -9.18 12.38 -17.56
N LEU D 33 -9.68 11.21 -17.17
CA LEU D 33 -9.87 10.09 -18.10
C LEU D 33 -10.85 10.45 -19.21
N PCA E 1 -33.71 14.84 -14.68
CA PCA E 1 -33.66 14.99 -13.26
CB PCA E 1 -35.03 14.53 -12.73
CG PCA E 1 -35.73 13.89 -13.93
CD PCA E 1 -34.77 14.14 -15.06
OE PCA E 1 -34.97 13.74 -16.20
C PCA E 1 -32.62 14.07 -12.71
O PCA E 1 -32.58 12.87 -13.05
N VAL E 2 -31.68 14.58 -11.60
CA VAL E 2 -30.68 13.63 -11.02
C VAL E 2 -31.39 12.65 -10.09
N GLN E 3 -31.19 11.36 -10.34
CA GLN E 3 -31.76 10.33 -9.50
C GLN E 3 -30.76 9.23 -9.19
N LEU E 4 -30.80 8.77 -7.95
CA LEU E 4 -30.00 7.63 -7.51
C LEU E 4 -30.95 6.56 -7.00
N GLN E 5 -30.94 5.40 -7.66
CA GLN E 5 -31.89 4.35 -7.36
C GLN E 5 -31.27 3.20 -6.57
N GLN E 6 -31.75 2.99 -5.35
CA GLN E 6 -31.30 1.88 -4.49
C GLN E 6 -32.47 0.97 -4.15
N PRO E 7 -32.22 -0.35 -4.05
CA PRO E 7 -33.27 -1.26 -3.58
C PRO E 7 -33.74 -0.92 -2.17
N GLY E 8 -35.01 -1.18 -1.88
CA GLY E 8 -35.57 -0.89 -0.56
C GLY E 8 -34.95 -1.68 0.58
N ALA E 9 -34.75 -2.97 0.38
CA ALA E 9 -34.32 -3.85 1.45
C ALA E 9 -33.57 -5.06 0.95
N GLU E 10 -32.68 -5.58 1.80
CA GLU E 10 -32.13 -6.90 1.56
C GLU E 10 -31.93 -7.63 2.87
N LEU E 11 -32.34 -8.89 2.88
CA LEU E 11 -32.12 -9.76 4.02
C LEU E 11 -31.02 -10.75 3.71
N LEU E 12 -30.03 -10.81 4.60
CA LEU E 12 -28.87 -11.68 4.42
C LEU E 12 -28.58 -12.45 5.70
N ARG E 13 -28.07 -13.67 5.54
CA ARG E 13 -27.68 -14.50 6.66
C ARG E 13 -26.32 -14.07 7.22
N PRO E 14 -26.11 -14.25 8.55
CA PRO E 14 -24.79 -13.98 9.13
C PRO E 14 -23.71 -14.74 8.37
N GLY E 15 -22.60 -14.08 8.05
CA GLY E 15 -21.49 -14.74 7.39
C GLY E 15 -21.52 -14.59 5.87
N ALA E 16 -22.66 -14.15 5.33
CA ALA E 16 -22.80 -13.95 3.89
C ALA E 16 -22.17 -12.63 3.49
N SER E 17 -22.20 -12.31 2.19
N SER E 17 -22.12 -12.37 2.18
CA SER E 17 -21.75 -11.00 1.69
CA SER E 17 -21.65 -11.09 1.64
C SER E 17 -22.84 -10.32 0.90
C SER E 17 -22.79 -10.42 0.90
N VAL E 18 -22.83 -8.99 0.86
N VAL E 18 -22.59 -9.17 0.50
CA VAL E 18 -23.73 -8.25 -0.02
CA VAL E 18 -23.66 -8.38 -0.10
C VAL E 18 -22.93 -7.41 -1.01
C VAL E 18 -23.07 -7.26 -0.91
N LYS E 19 -23.56 -7.13 -2.15
CA LYS E 19 -23.06 -6.11 -3.05
C LYS E 19 -24.24 -5.18 -3.29
N LEU E 20 -24.24 -4.06 -2.59
CA LEU E 20 -25.32 -3.09 -2.71
C LEU E 20 -25.15 -2.25 -3.96
N SER E 21 -26.27 -1.95 -4.62
CA SER E 21 -26.23 -1.16 -5.87
C SER E 21 -26.88 0.20 -5.74
N CYS E 22 -26.35 1.14 -6.49
CA CYS E 22 -26.86 2.49 -6.57
C CYS E 22 -26.82 2.87 -8.04
N LYS E 23 -27.99 2.85 -8.66
CA LYS E 23 -28.15 3.08 -10.09
C LYS E 23 -28.38 4.56 -10.38
N ALA E 24 -27.44 5.20 -11.07
CA ALA E 24 -27.51 6.65 -11.36
C ALA E 24 -28.21 6.95 -12.70
N SER E 25 -29.00 8.03 -12.74
CA SER E 25 -29.59 8.49 -13.99
C SER E 25 -29.73 10.01 -13.97
N GLY E 26 -29.88 10.59 -15.17
CA GLY E 26 -30.11 12.03 -15.33
C GLY E 26 -28.87 12.90 -15.27
N TYR E 27 -27.69 12.29 -15.27
CA TYR E 27 -26.44 13.07 -15.29
C TYR E 27 -25.27 12.26 -15.81
N THR E 28 -24.13 12.92 -15.99
CA THR E 28 -22.91 12.29 -16.48
C THR E 28 -22.24 11.58 -15.31
N PHE E 29 -22.51 10.28 -15.22
CA PHE E 29 -22.09 9.44 -14.09
C PHE E 29 -20.60 9.54 -13.74
N THR E 30 -19.74 9.60 -14.76
CA THR E 30 -18.29 9.59 -14.50
C THR E 30 -17.74 10.91 -14.00
N ASN E 31 -18.57 11.96 -13.96
CA ASN E 31 -18.05 13.27 -13.58
C ASN E 31 -18.39 13.78 -12.17
N PHE E 32 -18.91 12.88 -11.32
CA PHE E 32 -19.28 13.22 -9.96
C PHE E 32 -18.88 12.11 -9.01
N TRP E 33 -18.32 12.48 -7.85
CA TRP E 33 -17.98 11.49 -6.83
C TRP E 33 -19.20 10.85 -6.23
N MET E 34 -19.11 9.55 -5.96
CA MET E 34 -20.18 8.81 -5.29
C MET E 34 -19.72 8.42 -3.88
N ASN E 35 -20.64 8.49 -2.93
CA ASN E 35 -20.35 8.32 -1.53
C ASN E 35 -21.32 7.34 -0.94
N TRP E 36 -20.85 6.56 0.04
CA TRP E 36 -21.71 5.62 0.75
C TRP E 36 -21.70 5.89 2.21
N VAL E 37 -22.89 5.86 2.83
CA VAL E 37 -23.08 6.26 4.22
C VAL E 37 -23.87 5.17 4.94
N LYS E 38 -23.42 4.79 6.13
CA LYS E 38 -24.10 3.78 6.93
C LYS E 38 -24.84 4.48 8.07
N GLN E 39 -26.04 4.02 8.37
CA GLN E 39 -26.71 4.49 9.57
C GLN E 39 -27.45 3.38 10.30
N ARG E 40 -26.98 3.04 11.49
CA ARG E 40 -27.64 2.07 12.34
C ARG E 40 -28.82 2.74 13.05
N PRO E 41 -29.90 1.98 13.33
CA PRO E 41 -31.11 2.55 13.93
C PRO E 41 -30.80 3.36 15.19
N GLY E 42 -31.20 4.63 15.18
CA GLY E 42 -31.02 5.52 16.33
C GLY E 42 -29.63 6.13 16.44
N GLN E 43 -28.75 5.78 15.52
CA GLN E 43 -27.37 6.24 15.55
C GLN E 43 -27.08 7.24 14.43
N GLY E 44 -25.86 7.75 14.42
CA GLY E 44 -25.48 8.82 13.49
C GLY E 44 -25.10 8.33 12.12
N LEU E 45 -24.74 9.27 11.26
CA LEU E 45 -24.29 8.96 9.92
C LEU E 45 -22.82 8.61 9.96
N GLU E 46 -22.47 7.50 9.32
CA GLU E 46 -21.06 7.12 9.18
C GLU E 46 -20.69 7.01 7.72
N LEU E 47 -19.80 7.88 7.26
N LEU E 47 -19.78 7.87 7.26
CA LEU E 47 -19.26 7.74 5.93
CA LEU E 47 -19.28 7.77 5.91
C LEU E 47 -18.46 6.45 5.83
C LEU E 47 -18.43 6.50 5.78
N ILE E 48 -18.72 5.67 4.79
CA ILE E 48 -17.98 4.44 4.55
C ILE E 48 -16.80 4.72 3.63
N GLY E 49 -17.08 5.41 2.54
CA GLY E 49 -16.05 5.70 1.56
C GLY E 49 -16.61 6.51 0.41
N MET E 50 -15.73 6.90 -0.49
CA MET E 50 -16.15 7.57 -1.72
C MET E 50 -15.31 7.09 -2.89
N ILE E 51 -15.89 7.18 -4.08
CA ILE E 51 -15.23 6.72 -5.30
C ILE E 51 -15.43 7.73 -6.44
N ASP E 52 -14.36 7.97 -7.20
CA ASP E 52 -14.45 8.72 -8.44
C ASP E 52 -14.75 7.73 -9.57
N PRO E 53 -15.99 7.74 -10.12
CA PRO E 53 -16.31 6.71 -11.11
C PRO E 53 -15.48 6.78 -12.39
N SER E 54 -14.87 7.93 -12.66
CA SER E 54 -14.08 8.06 -13.90
C SER E 54 -12.80 7.21 -13.89
N ASP E 55 -12.11 7.19 -12.75
CA ASP E 55 -10.85 6.44 -12.65
C ASP E 55 -10.76 5.47 -11.47
N SER E 56 -11.88 5.35 -10.74
CA SER E 56 -12.00 4.50 -9.54
C SER E 56 -11.03 4.86 -8.41
N GLU E 57 -10.62 6.13 -8.35
CA GLU E 57 -9.91 6.59 -7.16
C GLU E 57 -10.85 6.36 -5.98
N THR E 58 -10.36 5.71 -4.92
CA THR E 58 -11.22 5.39 -3.78
C THR E 58 -10.60 5.81 -2.46
N HIS E 59 -11.46 6.17 -1.52
CA HIS E 59 -11.03 6.53 -0.18
C HIS E 59 -11.99 5.96 0.82
N TYR E 60 -11.45 5.27 1.82
CA TYR E 60 -12.27 4.64 2.85
C TYR E 60 -12.10 5.27 4.21
N ASN E 61 -13.21 5.43 4.93
CA ASN E 61 -13.12 5.82 6.32
C ASN E 61 -12.52 4.69 7.13
N GLN E 62 -11.81 5.04 8.20
CA GLN E 62 -10.96 4.09 8.91
C GLN E 62 -11.70 2.85 9.43
N MET E 63 -12.96 3.04 9.82
CA MET E 63 -13.72 1.93 10.37
C MET E 63 -14.11 0.91 9.30
N PHE E 64 -14.04 1.32 8.03
CA PHE E 64 -14.47 0.47 6.92
C PHE E 64 -13.35 0.02 5.98
N LYS E 65 -12.13 0.51 6.23
CA LYS E 65 -10.95 0.08 5.48
C LYS E 65 -10.75 -1.41 5.64
N ASP E 66 -10.59 -2.10 4.51
CA ASP E 66 -10.39 -3.57 4.50
C ASP E 66 -11.65 -4.30 4.98
N LYS E 67 -12.81 -3.66 4.77
CA LYS E 67 -14.10 -4.20 5.18
C LYS E 67 -15.18 -3.96 4.11
N ALA E 68 -15.20 -2.74 3.58
CA ALA E 68 -16.05 -2.40 2.45
C ALA E 68 -15.20 -2.29 1.19
N THR E 69 -15.81 -2.56 0.04
CA THR E 69 -15.13 -2.38 -1.25
C THR E 69 -16.05 -1.61 -2.18
N LEU E 70 -15.61 -0.43 -2.63
CA LEU E 70 -16.38 0.35 -3.59
C LEU E 70 -15.91 0.12 -5.02
N THR E 71 -16.87 -0.09 -5.92
CA THR E 71 -16.59 -0.20 -7.36
C THR E 71 -17.68 0.52 -8.12
N VAL E 72 -17.46 0.69 -9.43
CA VAL E 72 -18.48 1.22 -10.34
C VAL E 72 -18.51 0.38 -11.62
N ASP E 73 -19.65 0.39 -12.30
CA ASP E 73 -19.78 -0.13 -13.66
C ASP E 73 -20.20 1.04 -14.54
N LYS E 74 -19.27 1.55 -15.35
CA LYS E 74 -19.51 2.74 -16.17
C LYS E 74 -20.59 2.48 -17.21
N SER E 75 -20.62 1.25 -17.72
CA SER E 75 -21.55 0.87 -18.78
C SER E 75 -23.01 0.89 -18.33
N SER E 76 -23.25 0.70 -17.03
CA SER E 76 -24.60 0.71 -16.48
C SER E 76 -24.85 1.90 -15.56
N SER E 77 -23.88 2.79 -15.44
CA SER E 77 -23.94 3.93 -14.51
C SER E 77 -24.36 3.50 -13.10
N THR E 78 -23.75 2.44 -12.61
CA THR E 78 -24.07 1.90 -11.29
C THR E 78 -22.86 1.93 -10.38
N ALA E 79 -23.08 2.40 -9.15
CA ALA E 79 -22.09 2.30 -8.09
C ALA E 79 -22.41 1.10 -7.19
N TYR E 80 -21.37 0.43 -6.69
CA TYR E 80 -21.55 -0.73 -5.83
C TYR E 80 -20.75 -0.65 -4.55
N MET E 81 -21.29 -1.21 -3.48
N MET E 81 -21.31 -1.18 -3.48
CA MET E 81 -20.62 -1.28 -2.17
CA MET E 81 -20.55 -1.34 -2.26
C MET E 81 -20.71 -2.71 -1.65
C MET E 81 -20.71 -2.74 -1.76
N GLN E 82 -19.59 -3.41 -1.58
CA GLN E 82 -19.57 -4.80 -1.13
C GLN E 82 -19.10 -4.88 0.31
N LEU E 83 -19.86 -5.62 1.12
CA LEU E 83 -19.47 -5.97 2.48
C LEU E 83 -19.43 -7.49 2.59
N SER E 84 -18.44 -8.00 3.32
CA SER E 84 -18.32 -9.45 3.48
CA SER E 84 -18.26 -9.45 3.49
C SER E 84 -18.40 -9.84 4.96
N SER E 85 -18.55 -11.14 5.22
CA SER E 85 -18.63 -11.70 6.57
C SER E 85 -19.58 -10.92 7.47
N LEU E 86 -20.83 -10.80 7.01
CA LEU E 86 -21.82 -10.00 7.70
C LEU E 86 -22.20 -10.49 9.10
N THR E 87 -22.40 -9.54 10.01
CA THR E 87 -22.91 -9.81 11.35
C THR E 87 -24.08 -8.85 11.59
N SER E 88 -24.80 -9.06 12.70
CA SER E 88 -25.89 -8.15 13.07
C SER E 88 -25.45 -6.68 13.19
N GLU E 89 -24.16 -6.44 13.43
CA GLU E 89 -23.63 -5.08 13.51
C GLU E 89 -23.68 -4.37 12.15
N ASP E 90 -23.80 -5.16 11.09
CA ASP E 90 -23.90 -4.60 9.74
C ASP E 90 -25.34 -4.25 9.35
N SER E 91 -26.32 -4.66 10.15
CA SER E 91 -27.72 -4.27 9.89
C SER E 91 -27.85 -2.78 10.06
N ALA E 92 -28.31 -2.11 9.01
CA ALA E 92 -28.35 -0.65 8.97
C ALA E 92 -29.02 -0.19 7.70
N VAL E 93 -29.29 1.12 7.61
CA VAL E 93 -29.65 1.71 6.33
C VAL E 93 -28.37 2.22 5.66
N TYR E 94 -28.21 1.87 4.38
CA TYR E 94 -27.04 2.31 3.62
C TYR E 94 -27.47 3.22 2.49
N TYR E 95 -26.95 4.43 2.49
CA TYR E 95 -27.27 5.42 1.46
C TYR E 95 -26.13 5.59 0.50
N CYS E 96 -26.45 5.82 -0.77
CA CYS E 96 -25.46 6.42 -1.67
C CYS E 96 -25.80 7.89 -1.84
N ALA E 97 -24.78 8.72 -2.05
CA ALA E 97 -25.00 10.14 -2.19
C ALA E 97 -24.02 10.68 -3.21
N ARG E 98 -24.51 11.58 -4.04
CA ARG E 98 -23.66 12.25 -5.04
C ARG E 98 -23.06 13.53 -4.49
N ARG E 99 -21.76 13.72 -4.73
CA ARG E 99 -21.11 15.00 -4.47
C ARG E 99 -21.41 15.91 -5.65
N ASP E 100 -21.64 17.20 -5.39
CA ASP E 100 -21.90 18.12 -6.51
C ASP E 100 -20.66 18.23 -7.42
N TYR E 101 -20.85 18.84 -8.58
CA TYR E 101 -19.77 18.95 -9.56
C TYR E 101 -18.48 19.60 -9.04
N TYR E 102 -18.63 20.58 -8.16
CA TYR E 102 -17.46 21.31 -7.64
C TYR E 102 -16.90 20.74 -6.34
N GLY E 103 -17.51 19.68 -5.82
CA GLY E 103 -16.98 19.01 -4.62
C GLY E 103 -17.18 19.79 -3.33
N ILE E 104 -18.26 20.56 -3.24
CA ILE E 104 -18.49 21.44 -2.08
C ILE E 104 -19.70 21.05 -1.22
N LEU E 105 -20.44 20.05 -1.67
CA LEU E 105 -21.65 19.61 -0.97
C LEU E 105 -22.17 18.30 -1.53
N PHE E 106 -22.98 17.58 -0.77
CA PHE E 106 -23.76 16.46 -1.33
C PHE E 106 -25.08 17.03 -1.84
N ASP E 107 -25.41 16.74 -3.10
CA ASP E 107 -26.65 17.34 -3.66
C ASP E 107 -27.82 16.39 -3.89
N TYR E 108 -27.52 15.10 -4.10
CA TYR E 108 -28.57 14.11 -4.33
C TYR E 108 -28.27 12.81 -3.58
N TRP E 109 -29.32 12.19 -3.06
CA TRP E 109 -29.21 10.99 -2.24
C TRP E 109 -30.09 9.90 -2.74
N GLY E 110 -29.61 8.66 -2.64
CA GLY E 110 -30.48 7.49 -2.79
C GLY E 110 -31.47 7.43 -1.61
N GLN E 111 -32.51 6.62 -1.74
CA GLN E 111 -33.50 6.47 -0.66
C GLN E 111 -32.99 5.59 0.47
N GLY E 112 -31.89 4.89 0.25
CA GLY E 112 -31.32 4.00 1.25
C GLY E 112 -31.82 2.58 1.15
N THR E 113 -30.91 1.63 1.34
CA THR E 113 -31.28 0.22 1.41
C THR E 113 -31.22 -0.24 2.85
N THR E 114 -32.34 -0.74 3.38
CA THR E 114 -32.26 -1.29 4.73
C THR E 114 -31.83 -2.74 4.66
N VAL E 115 -30.62 -2.96 5.16
CA VAL E 115 -29.99 -4.27 5.20
C VAL E 115 -30.25 -4.89 6.56
N THR E 116 -30.80 -6.10 6.55
CA THR E 116 -31.00 -6.87 7.77
C THR E 116 -30.15 -8.13 7.70
N VAL E 117 -29.32 -8.35 8.72
CA VAL E 117 -28.49 -9.55 8.81
C VAL E 117 -29.11 -10.41 9.90
N SER E 118 -29.71 -11.51 9.48
CA SER E 118 -30.49 -12.36 10.38
C SER E 118 -30.72 -13.71 9.76
N SER E 119 -30.94 -14.71 10.61
N SER E 119 -30.95 -14.72 10.60
CA SER E 119 -31.29 -16.06 10.18
CA SER E 119 -31.30 -16.06 10.16
C SER E 119 -32.80 -16.23 10.02
C SER E 119 -32.81 -16.29 10.18
N ALA E 120 -33.57 -15.27 10.53
CA ALA E 120 -35.04 -15.32 10.51
C ALA E 120 -35.54 -15.22 9.06
N LYS E 121 -36.73 -15.77 8.82
CA LYS E 121 -37.27 -15.91 7.47
C LYS E 121 -38.16 -14.74 7.03
N THR E 122 -38.06 -14.39 5.75
CA THR E 122 -38.96 -13.43 5.14
C THR E 122 -40.41 -13.89 5.32
N THR E 123 -41.25 -12.96 5.78
N THR E 123 -41.25 -12.99 5.84
CA THR E 123 -42.67 -13.19 6.02
CA THR E 123 -42.69 -13.23 5.95
C THR E 123 -43.49 -11.96 5.62
C THR E 123 -43.47 -11.98 5.59
N PRO E 124 -44.55 -12.14 4.81
CA PRO E 124 -45.33 -10.99 4.38
C PRO E 124 -46.24 -10.49 5.50
N PRO E 125 -46.68 -9.23 5.41
CA PRO E 125 -47.57 -8.69 6.42
C PRO E 125 -49.02 -9.14 6.24
N SER E 126 -49.73 -9.29 7.35
CA SER E 126 -51.19 -9.32 7.34
C SER E 126 -51.64 -7.89 7.60
N VAL E 127 -52.61 -7.40 6.84
CA VAL E 127 -53.05 -5.99 6.96
C VAL E 127 -54.51 -5.98 7.41
N TYR E 128 -54.79 -5.36 8.55
CA TYR E 128 -56.14 -5.34 9.11
C TYR E 128 -56.70 -3.93 9.21
N PRO E 129 -57.93 -3.73 8.74
CA PRO E 129 -58.51 -2.40 8.86
C PRO E 129 -59.02 -2.15 10.28
N LEU E 130 -58.84 -0.92 10.75
CA LEU E 130 -59.27 -0.52 12.08
C LEU E 130 -60.34 0.55 11.93
N ALA E 131 -61.60 0.10 12.02
CA ALA E 131 -62.74 1.01 12.05
C ALA E 131 -63.26 1.09 13.50
N PRO E 132 -63.86 2.23 13.87
CA PRO E 132 -64.34 2.34 15.26
C PRO E 132 -65.48 1.37 15.55
N GLY E 133 -65.66 1.01 16.81
CA GLY E 133 -66.77 0.16 17.18
C GLY E 133 -68.06 0.86 16.78
N SER E 134 -69.06 0.08 16.39
CA SER E 134 -70.38 0.64 16.15
C SER E 134 -70.84 1.11 17.53
N ALA E 135 -71.51 2.25 17.58
CA ALA E 135 -71.90 2.82 18.88
C ALA E 135 -70.76 3.50 19.66
N ALA E 136 -69.61 3.70 19.02
CA ALA E 136 -68.65 4.71 19.48
C ALA E 136 -69.38 6.06 19.51
N GLN E 137 -68.97 6.95 20.41
CA GLN E 137 -69.65 8.24 20.57
C GLN E 137 -69.44 9.13 19.33
N THR E 138 -70.38 10.04 19.08
CA THR E 138 -70.30 10.97 17.96
C THR E 138 -69.30 12.10 18.26
N ASN E 139 -68.42 12.39 17.30
CA ASN E 139 -67.41 13.45 17.46
C ASN E 139 -67.27 14.24 16.14
N SER E 140 -66.64 15.41 16.18
CA SER E 140 -66.43 16.17 14.94
C SER E 140 -65.39 15.53 14.01
N MET E 141 -64.47 14.77 14.60
CA MET E 141 -63.42 14.08 13.85
C MET E 141 -63.54 12.59 14.10
N VAL E 142 -63.04 11.81 13.15
CA VAL E 142 -63.01 10.35 13.31
C VAL E 142 -61.59 9.89 13.06
N THR E 143 -61.10 8.97 13.89
CA THR E 143 -59.79 8.34 13.67
C THR E 143 -59.97 6.91 13.20
N LEU E 144 -59.25 6.56 12.14
CA LEU E 144 -59.26 5.23 11.54
C LEU E 144 -57.85 4.68 11.61
N GLY E 145 -57.69 3.40 11.32
CA GLY E 145 -56.34 2.89 11.32
C GLY E 145 -56.13 1.65 10.50
N CYS E 146 -54.88 1.18 10.57
N CYS E 146 -54.86 1.24 10.39
CA CYS E 146 -54.40 0.06 9.82
CA CYS E 146 -54.52 -0.05 9.78
C CYS E 146 -53.45 -0.69 10.74
C CYS E 146 -53.44 -0.71 10.61
N LEU E 147 -53.66 -2.00 10.88
CA LEU E 147 -52.75 -2.80 11.70
C LEU E 147 -51.99 -3.70 10.74
N VAL E 148 -50.66 -3.65 10.80
CA VAL E 148 -49.80 -4.35 9.86
C VAL E 148 -48.98 -5.33 10.68
N LYS E 149 -49.36 -6.60 10.63
CA LYS E 149 -48.86 -7.56 11.59
C LYS E 149 -48.10 -8.71 10.94
N GLY E 150 -47.07 -9.17 11.63
CA GLY E 150 -46.42 -10.44 11.34
C GLY E 150 -45.50 -10.48 10.14
N TYR E 151 -44.76 -9.41 9.92
CA TYR E 151 -43.87 -9.35 8.75
C TYR E 151 -42.39 -9.36 9.15
N PHE E 152 -41.56 -9.73 8.20
CA PHE E 152 -40.09 -9.71 8.38
C PHE E 152 -39.45 -9.76 6.99
N PRO E 153 -38.33 -9.01 6.78
CA PRO E 153 -37.70 -8.03 7.63
C PRO E 153 -38.37 -6.65 7.49
N GLU E 154 -37.83 -5.65 8.18
CA GLU E 154 -38.18 -4.25 7.90
C GLU E 154 -37.65 -3.89 6.50
N PRO E 155 -38.21 -2.86 5.85
CA PRO E 155 -39.31 -2.01 6.32
C PRO E 155 -40.65 -2.32 5.64
N VAL E 156 -41.73 -1.75 6.17
CA VAL E 156 -42.94 -1.56 5.37
C VAL E 156 -43.13 -0.05 5.14
N THR E 157 -43.81 0.29 4.05
CA THR E 157 -44.22 1.66 3.81
C THR E 157 -45.73 1.70 3.78
N VAL E 158 -46.29 2.60 4.60
CA VAL E 158 -47.74 2.75 4.68
C VAL E 158 -48.10 4.13 4.17
N THR E 159 -49.09 4.19 3.28
CA THR E 159 -49.67 5.47 2.88
C THR E 159 -51.18 5.37 3.00
N TRP E 160 -51.83 6.54 2.92
CA TRP E 160 -53.30 6.61 2.93
C TRP E 160 -53.78 7.27 1.66
N ASN E 161 -54.77 6.66 1.01
CA ASN E 161 -55.28 7.17 -0.27
C ASN E 161 -54.12 7.44 -1.27
N SER E 162 -53.22 6.47 -1.38
CA SER E 162 -52.05 6.52 -2.27
C SER E 162 -51.14 7.73 -2.04
N GLY E 163 -51.11 8.22 -0.80
CA GLY E 163 -50.33 9.41 -0.45
C GLY E 163 -51.06 10.74 -0.47
N SER E 164 -52.29 10.76 -0.96
CA SER E 164 -53.06 12.01 -1.05
CA SER E 164 -53.09 12.00 -1.05
C SER E 164 -53.61 12.43 0.31
N LEU E 165 -53.68 11.49 1.23
CA LEU E 165 -54.12 11.77 2.59
C LEU E 165 -52.87 11.66 3.43
N SER E 166 -52.25 12.79 3.73
CA SER E 166 -50.98 12.76 4.44
C SER E 166 -50.98 13.57 5.73
N SER E 167 -51.82 14.59 5.83
CA SER E 167 -51.92 15.30 7.10
C SER E 167 -52.84 14.49 8.04
N GLY E 168 -52.61 14.63 9.34
CA GLY E 168 -53.38 13.85 10.33
C GLY E 168 -53.06 12.37 10.37
N VAL E 169 -51.89 12.00 9.85
CA VAL E 169 -51.41 10.62 9.86
C VAL E 169 -50.33 10.43 10.92
N HIS E 170 -50.42 9.31 11.63
CA HIS E 170 -49.37 8.83 12.53
C HIS E 170 -49.05 7.41 12.18
N THR E 171 -47.84 7.16 11.68
CA THR E 171 -47.42 5.79 11.46
C THR E 171 -46.37 5.44 12.50
N PHE E 172 -46.65 4.41 13.28
CA PHE E 172 -45.87 4.12 14.47
C PHE E 172 -44.69 3.23 14.14
N PRO E 173 -43.54 3.45 14.83
CA PRO E 173 -42.40 2.57 14.61
C PRO E 173 -42.74 1.11 14.87
N ALA E 174 -42.24 0.23 14.00
CA ALA E 174 -42.48 -1.19 14.14
C ALA E 174 -41.82 -1.74 15.39
N VAL E 175 -42.46 -2.74 15.98
CA VAL E 175 -41.91 -3.44 17.13
C VAL E 175 -41.69 -4.91 16.77
N LEU E 176 -40.51 -5.41 17.12
CA LEU E 176 -40.13 -6.80 16.88
C LEU E 176 -40.51 -7.71 18.04
N GLN E 177 -41.15 -8.83 17.73
CA GLN E 177 -41.43 -9.87 18.71
C GLN E 177 -41.41 -11.23 18.03
N SER E 178 -40.64 -12.17 18.59
CA SER E 178 -40.52 -13.52 18.04
C SER E 178 -40.23 -13.51 16.54
N ASP E 179 -39.25 -12.71 16.13
CA ASP E 179 -38.83 -12.58 14.72
C ASP E 179 -39.91 -12.05 13.76
N LEU E 180 -40.92 -11.37 14.30
CA LEU E 180 -41.95 -10.77 13.46
C LEU E 180 -42.23 -9.35 13.92
N TYR E 181 -42.42 -8.46 12.94
CA TYR E 181 -42.68 -7.05 13.22
C TYR E 181 -44.16 -6.77 13.18
N THR E 182 -44.59 -5.81 14.00
CA THR E 182 -45.93 -5.29 13.92
C THR E 182 -45.86 -3.77 13.97
N LEU E 183 -46.66 -3.13 13.14
CA LEU E 183 -46.86 -1.70 13.28
C LEU E 183 -48.29 -1.32 12.99
N SER E 184 -48.65 -0.10 13.36
N SER E 184 -48.70 -0.14 13.42
CA SER E 184 -49.97 0.42 13.08
CA SER E 184 -50.01 0.40 13.08
C SER E 184 -49.81 1.82 12.51
C SER E 184 -49.85 1.81 12.56
N SER E 185 -50.86 2.29 11.83
CA SER E 185 -50.90 3.66 11.35
C SER E 185 -52.30 4.17 11.63
N SER E 186 -52.40 5.42 12.09
CA SER E 186 -53.70 6.05 12.28
C SER E 186 -53.87 7.25 11.34
N VAL E 187 -55.12 7.56 10.99
CA VAL E 187 -55.41 8.75 10.22
C VAL E 187 -56.67 9.36 10.80
N THR E 188 -56.66 10.68 10.94
CA THR E 188 -57.84 11.37 11.46
C THR E 188 -58.40 12.29 10.39
N VAL E 189 -59.71 12.18 10.17
CA VAL E 189 -60.41 12.96 9.14
C VAL E 189 -61.71 13.54 9.73
N PRO E 190 -62.29 14.58 9.10
CA PRO E 190 -63.58 15.06 9.64
C PRO E 190 -64.63 13.97 9.55
N SER E 191 -65.44 13.84 10.61
N SER E 191 -65.45 13.85 10.61
CA SER E 191 -66.48 12.84 10.70
CA SER E 191 -66.46 12.80 10.69
C SER E 191 -67.45 12.88 9.53
C SER E 191 -67.50 12.89 9.58
N SER E 192 -67.74 14.09 9.06
CA SER E 192 -68.70 14.29 7.98
C SER E 192 -68.22 13.68 6.66
N THR E 193 -66.90 13.49 6.53
CA THR E 193 -66.29 12.98 5.30
C THR E 193 -66.12 11.45 5.25
N TRP E 194 -66.46 10.75 6.33
CA TRP E 194 -66.34 9.29 6.35
C TRP E 194 -67.60 8.65 6.90
N PRO E 195 -68.16 7.66 6.18
CA PRO E 195 -67.65 6.96 5.01
C PRO E 195 -67.94 7.60 3.65
N SER E 196 -68.48 8.82 3.61
CA SER E 196 -68.87 9.45 2.32
C SER E 196 -67.72 9.50 1.32
N GLU E 197 -66.53 9.77 1.83
CA GLU E 197 -65.29 9.78 1.04
C GLU E 197 -64.42 8.64 1.53
N THR E 198 -64.00 7.79 0.60
CA THR E 198 -63.26 6.58 0.96
C THR E 198 -61.87 6.88 1.56
N VAL E 199 -61.46 6.04 2.48
CA VAL E 199 -60.14 6.09 3.14
C VAL E 199 -59.55 4.68 3.02
N THR E 200 -58.40 4.57 2.37
CA THR E 200 -57.76 3.27 2.10
C THR E 200 -56.33 3.32 2.57
N CYS E 201 -55.93 2.27 3.28
N CYS E 201 -55.89 2.32 3.31
CA CYS E 201 -54.57 2.05 3.74
CA CYS E 201 -54.48 2.26 3.67
C CYS E 201 -53.80 1.36 2.60
C CYS E 201 -53.75 1.35 2.70
N ASN E 202 -52.59 1.83 2.27
CA ASN E 202 -51.76 1.14 1.29
C ASN E 202 -50.51 0.70 1.99
N VAL E 203 -50.19 -0.60 1.91
CA VAL E 203 -49.03 -1.15 2.59
C VAL E 203 -48.13 -1.83 1.55
N ALA E 204 -46.85 -1.46 1.52
CA ALA E 204 -45.86 -2.10 0.66
C ALA E 204 -44.80 -2.74 1.53
N HIS E 205 -44.47 -3.99 1.22
CA HIS E 205 -43.41 -4.71 1.92
C HIS E 205 -42.45 -5.24 0.89
N PRO E 206 -41.42 -4.43 0.58
CA PRO E 206 -40.52 -4.74 -0.54
C PRO E 206 -39.84 -6.09 -0.42
N ALA E 207 -39.49 -6.48 0.81
CA ALA E 207 -38.72 -7.70 1.01
C ALA E 207 -39.49 -8.96 0.66
N SER E 208 -40.83 -8.93 0.74
CA SER E 208 -41.66 -10.06 0.31
C SER E 208 -42.37 -9.77 -1.02
N SER E 209 -41.96 -8.67 -1.65
CA SER E 209 -42.56 -8.16 -2.90
C SER E 209 -44.09 -8.21 -2.83
N THR E 210 -44.61 -7.63 -1.76
CA THR E 210 -46.05 -7.64 -1.46
C THR E 210 -46.58 -6.22 -1.38
N LYS E 211 -47.75 -5.99 -1.97
CA LYS E 211 -48.50 -4.75 -1.70
C LYS E 211 -49.94 -5.11 -1.34
N VAL E 212 -50.52 -4.39 -0.38
CA VAL E 212 -51.90 -4.62 0.05
C VAL E 212 -52.59 -3.28 0.18
N ASP E 213 -53.80 -3.17 -0.36
CA ASP E 213 -54.67 -2.02 -0.10
C ASP E 213 -55.90 -2.50 0.65
N LYS E 214 -56.22 -1.82 1.74
CA LYS E 214 -57.42 -2.13 2.52
C LYS E 214 -58.23 -0.87 2.71
N LYS E 215 -59.42 -0.82 2.14
CA LYS E 215 -60.35 0.28 2.41
C LYS E 215 -60.89 0.11 3.81
N ILE E 216 -61.01 1.21 4.53
CA ILE E 216 -61.65 1.20 5.83
C ILE E 216 -63.16 1.41 5.67
N VAL E 217 -63.97 0.55 6.04
CA VAL E 217 -65.42 0.46 5.96
C VAL E 217 -66.05 0.31 7.34
N PRO E 218 -67.16 1.04 7.50
CA PRO E 218 -67.83 0.99 8.79
C PRO E 218 -68.19 -0.44 9.19
N ARG E 219 -68.15 -0.74 10.48
CA ARG E 219 -68.50 -2.07 10.99
C ARG E 219 -69.99 -2.36 10.86
N ASP F 1 -8.26 9.58 10.78
CA ASP F 1 -9.25 10.48 10.13
C ASP F 1 -9.56 11.66 11.04
N VAL F 2 -9.99 12.76 10.44
CA VAL F 2 -10.43 13.93 11.18
C VAL F 2 -11.71 13.62 11.97
N LEU F 3 -11.66 13.88 13.28
CA LEU F 3 -12.79 13.61 14.15
C LEU F 3 -13.63 14.88 14.21
N MET F 4 -14.91 14.77 13.86
CA MET F 4 -15.87 15.85 14.05
C MET F 4 -16.80 15.53 15.22
N THR F 5 -16.84 16.42 16.21
CA THR F 5 -17.70 16.23 17.39
C THR F 5 -18.70 17.37 17.53
N GLN F 6 -19.91 17.05 17.94
CA GLN F 6 -20.96 18.06 18.11
C GLN F 6 -21.44 18.14 19.53
N THR F 7 -21.94 19.32 19.89
N THR F 7 -21.86 19.34 19.92
CA THR F 7 -22.43 19.61 21.22
CA THR F 7 -22.45 19.58 21.22
C THR F 7 -23.57 20.62 21.12
C THR F 7 -23.64 20.52 21.00
N PRO F 8 -24.73 20.32 21.75
CA PRO F 8 -25.01 19.16 22.63
C PRO F 8 -25.45 17.94 21.81
N LEU F 9 -25.79 16.83 22.47
CA LEU F 9 -26.34 15.67 21.77
C LEU F 9 -27.82 15.89 21.44
N SER F 10 -28.53 16.53 22.37
CA SER F 10 -29.89 16.99 22.10
C SER F 10 -30.08 18.40 22.62
N LEU F 11 -30.96 19.13 21.95
CA LEU F 11 -31.14 20.56 22.20
C LEU F 11 -32.64 20.87 22.26
N PRO F 12 -33.20 21.10 23.46
CA PRO F 12 -34.61 21.48 23.58
C PRO F 12 -34.79 22.98 23.38
N VAL F 13 -35.77 23.36 22.57
N VAL F 13 -35.74 23.35 22.53
CA VAL F 13 -35.95 24.77 22.22
CA VAL F 13 -35.95 24.76 22.18
C VAL F 13 -37.41 25.11 21.98
C VAL F 13 -37.45 25.05 22.07
N SER F 14 -37.85 26.23 22.56
CA SER F 14 -39.22 26.67 22.38
C SER F 14 -39.45 27.18 20.96
N LEU F 15 -40.66 27.01 20.44
CA LEU F 15 -41.02 27.59 19.15
C LEU F 15 -40.76 29.10 19.18
N GLY F 16 -40.12 29.59 18.12
CA GLY F 16 -39.79 31.00 18.01
C GLY F 16 -38.44 31.39 18.55
N ASP F 17 -37.84 30.52 19.36
CA ASP F 17 -36.57 30.83 20.02
C ASP F 17 -35.40 30.46 19.11
N GLN F 18 -34.19 30.87 19.48
CA GLN F 18 -32.99 30.52 18.71
C GLN F 18 -32.33 29.24 19.21
N ALA F 19 -31.79 28.46 18.28
CA ALA F 19 -31.02 27.28 18.61
C ALA F 19 -29.60 27.49 18.12
N SER F 20 -28.63 26.96 18.86
N SER F 20 -28.63 26.97 18.87
CA SER F 20 -27.23 27.02 18.46
CA SER F 20 -27.22 27.01 18.49
C SER F 20 -26.58 25.66 18.68
C SER F 20 -26.61 25.64 18.67
N ILE F 21 -25.91 25.17 17.63
CA ILE F 21 -25.29 23.85 17.63
C ILE F 21 -23.81 24.04 17.29
N SER F 22 -22.93 23.39 18.05
CA SER F 22 -21.49 23.56 17.86
CA SER F 22 -21.48 23.55 17.89
C SER F 22 -20.85 22.30 17.26
N CYS F 23 -19.82 22.54 16.45
CA CYS F 23 -19.09 21.50 15.77
C CYS F 23 -17.61 21.79 15.95
N ARG F 24 -16.85 20.80 16.39
CA ARG F 24 -15.43 20.98 16.66
C ARG F 24 -14.67 19.90 15.91
N SER F 25 -13.58 20.28 15.28
CA SER F 25 -12.78 19.33 14.53
C SER F 25 -11.50 19.03 15.27
N SER F 26 -10.91 17.87 14.99
CA SER F 26 -9.67 17.47 15.65
C SER F 26 -8.42 18.13 15.05
N GLN F 27 -8.59 18.76 13.87
CA GLN F 27 -7.57 19.63 13.27
C GLN F 27 -8.23 20.70 12.40
N SER F 28 -7.51 21.75 12.04
CA SER F 28 -8.08 22.83 11.22
C SER F 28 -8.70 22.30 9.93
N ILE F 29 -9.88 22.83 9.60
CA ILE F 29 -10.60 22.42 8.39
C ILE F 29 -10.25 23.35 7.21
N VAL F 30 -9.38 24.33 7.47
CA VAL F 30 -8.81 25.12 6.39
C VAL F 30 -7.98 24.23 5.47
N HIS F 31 -8.34 24.23 4.19
CA HIS F 31 -7.64 23.47 3.16
C HIS F 31 -6.42 24.21 2.67
N ASN F 32 -5.48 23.48 2.09
CA ASN F 32 -4.29 24.10 1.47
C ASN F 32 -4.64 25.14 0.41
N ASN F 33 -5.78 24.97 -0.25
CA ASN F 33 -6.24 25.97 -1.24
C ASN F 33 -6.91 27.21 -0.62
N GLY F 34 -7.01 27.25 0.70
CA GLY F 34 -7.49 28.44 1.40
C GLY F 34 -8.94 28.40 1.77
N ASN F 35 -9.70 27.47 1.21
CA ASN F 35 -11.12 27.31 1.51
C ASN F 35 -11.34 26.47 2.76
N THR F 36 -12.51 26.57 3.37
CA THR F 36 -12.90 25.73 4.50
C THR F 36 -14.19 25.02 4.17
N TYR F 37 -14.12 23.70 4.03
CA TYR F 37 -15.25 22.92 3.55
C TYR F 37 -16.02 22.32 4.71
N ILE F 38 -16.81 23.15 5.39
CA ILE F 38 -17.74 22.69 6.42
C ILE F 38 -19.15 22.73 5.87
N GLU F 39 -19.87 21.63 6.07
CA GLU F 39 -21.28 21.56 5.70
C GLU F 39 -22.17 21.16 6.87
N TRP F 40 -23.45 21.53 6.77
CA TRP F 40 -24.43 21.12 7.75
C TRP F 40 -25.60 20.50 7.04
N TYR F 41 -26.02 19.33 7.53
CA TYR F 41 -27.14 18.54 6.99
C TYR F 41 -28.22 18.37 8.05
N LEU F 42 -29.49 18.32 7.63
CA LEU F 42 -30.59 17.98 8.54
C LEU F 42 -31.22 16.68 8.08
N GLN F 43 -31.41 15.75 9.01
CA GLN F 43 -32.10 14.52 8.69
C GLN F 43 -33.33 14.31 9.53
N LYS F 44 -34.47 14.16 8.86
CA LYS F 44 -35.73 13.83 9.52
C LYS F 44 -35.93 12.32 9.55
N PRO F 45 -36.68 11.80 10.53
CA PRO F 45 -36.83 10.34 10.66
C PRO F 45 -37.31 9.68 9.37
N GLY F 46 -36.64 8.61 8.97
CA GLY F 46 -37.02 7.84 7.80
C GLY F 46 -36.77 8.54 6.48
N GLN F 47 -35.99 9.63 6.51
CA GLN F 47 -35.63 10.37 5.32
C GLN F 47 -34.11 10.45 5.18
N SER F 48 -33.65 10.64 3.94
N SER F 48 -33.64 10.63 3.94
CA SER F 48 -32.24 10.90 3.67
CA SER F 48 -32.22 10.87 3.69
C SER F 48 -31.89 12.29 4.19
C SER F 48 -31.88 12.28 4.16
N PRO F 49 -30.61 12.52 4.54
CA PRO F 49 -30.22 13.87 4.97
C PRO F 49 -30.39 14.90 3.85
N LYS F 50 -30.61 16.16 4.23
CA LYS F 50 -30.77 17.26 3.27
C LYS F 50 -29.78 18.34 3.64
N LEU F 51 -29.12 18.90 2.64
CA LEU F 51 -28.17 19.99 2.84
C LEU F 51 -28.80 21.28 3.37
N LEU F 52 -28.14 21.93 4.32
CA LEU F 52 -28.53 23.30 4.73
C LEU F 52 -27.48 24.33 4.35
N ILE F 53 -26.24 24.05 4.74
CA ILE F 53 -25.15 25.02 4.69
C ILE F 53 -23.92 24.33 4.11
N TYR F 54 -23.18 25.01 3.24
CA TYR F 54 -21.90 24.50 2.75
C TYR F 54 -20.83 25.61 2.81
N LYS F 55 -19.56 25.20 2.75
CA LYS F 55 -18.43 26.13 2.88
C LYS F 55 -18.62 27.10 4.06
N VAL F 56 -18.95 26.52 5.21
CA VAL F 56 -19.11 27.20 6.51
C VAL F 56 -20.40 28.02 6.64
N SER F 57 -20.68 28.86 5.65
CA SER F 57 -21.69 29.91 5.79
C SER F 57 -22.59 30.12 4.58
N ASN F 58 -22.43 29.33 3.53
CA ASN F 58 -23.27 29.50 2.34
C ASN F 58 -24.54 28.70 2.51
N ARG F 59 -25.69 29.34 2.33
CA ARG F 59 -26.98 28.65 2.40
CA ARG F 59 -26.97 28.66 2.42
C ARG F 59 -27.35 28.09 1.04
N PHE F 60 -27.75 26.84 1.01
CA PHE F 60 -28.17 26.21 -0.22
C PHE F 60 -29.54 26.75 -0.67
N SER F 61 -29.79 26.68 -1.96
CA SER F 61 -31.09 27.10 -2.53
C SER F 61 -32.22 26.38 -1.81
N GLY F 62 -33.26 27.12 -1.46
CA GLY F 62 -34.45 26.52 -0.87
C GLY F 62 -34.40 26.37 0.63
N VAL F 63 -33.22 26.59 1.22
CA VAL F 63 -33.05 26.51 2.68
C VAL F 63 -33.48 27.84 3.29
N PRO F 64 -34.42 27.82 4.26
CA PRO F 64 -34.91 29.05 4.87
C PRO F 64 -33.76 29.93 5.37
N ASP F 65 -33.89 31.24 5.21
CA ASP F 65 -32.81 32.13 5.66
C ASP F 65 -32.68 32.27 7.18
N ARG F 66 -33.49 31.52 7.92
CA ARG F 66 -33.36 31.40 9.38
C ARG F 66 -32.16 30.57 9.82
N PHE F 67 -31.64 29.74 8.91
CA PHE F 67 -30.44 28.96 9.15
C PHE F 67 -29.20 29.77 8.74
N SER F 68 -28.19 29.75 9.59
CA SER F 68 -26.91 30.40 9.26
C SER F 68 -25.75 29.61 9.86
N GLY F 69 -24.60 29.68 9.19
CA GLY F 69 -23.42 28.94 9.62
C GLY F 69 -22.27 29.91 9.81
N SER F 70 -21.43 29.64 10.80
CA SER F 70 -20.22 30.44 11.02
C SER F 70 -19.10 29.61 11.65
N GLY F 71 -17.98 30.27 11.90
CA GLY F 71 -16.84 29.62 12.53
C GLY F 71 -15.62 29.63 11.65
N SER F 72 -14.52 29.09 12.16
CA SER F 72 -13.27 29.05 11.43
C SER F 72 -12.31 28.06 12.08
N GLY F 73 -11.44 27.50 11.25
CA GLY F 73 -10.38 26.61 11.71
C GLY F 73 -10.91 25.31 12.27
N THR F 74 -11.11 25.32 13.58
CA THR F 74 -11.37 24.12 14.33
C THR F 74 -12.77 24.15 14.99
N ASP F 75 -13.43 25.31 14.95
CA ASP F 75 -14.68 25.51 15.68
C ASP F 75 -15.76 26.18 14.83
N PHE F 76 -16.90 25.51 14.73
CA PHE F 76 -17.99 25.93 13.85
C PHE F 76 -19.34 25.90 14.54
N THR F 77 -20.26 26.73 14.04
CA THR F 77 -21.56 26.89 14.69
C THR F 77 -22.64 26.99 13.63
N LEU F 78 -23.75 26.31 13.89
CA LEU F 78 -25.00 26.50 13.14
C LEU F 78 -26.03 27.14 14.05
N LYS F 79 -26.69 28.17 13.54
CA LYS F 79 -27.72 28.87 14.30
C LYS F 79 -29.05 28.81 13.57
N ILE F 80 -30.11 28.53 14.31
CA ILE F 80 -31.44 28.48 13.75
C ILE F 80 -32.24 29.50 14.52
N SER F 81 -32.55 30.62 13.88
N SER F 81 -32.54 30.62 13.87
CA SER F 81 -33.38 31.63 14.49
CA SER F 81 -33.39 31.65 14.46
C SER F 81 -34.84 31.28 14.26
C SER F 81 -34.84 31.24 14.28
N ARG F 82 -35.70 31.63 15.21
CA ARG F 82 -37.14 31.41 15.12
C ARG F 82 -37.48 29.97 14.78
N VAL F 83 -37.08 29.05 15.65
CA VAL F 83 -37.32 27.63 15.46
C VAL F 83 -38.80 27.35 15.17
N GLU F 84 -39.02 26.54 14.14
CA GLU F 84 -40.35 26.12 13.70
C GLU F 84 -40.46 24.59 13.79
N ALA F 85 -41.68 24.06 13.86
CA ALA F 85 -41.90 22.61 13.96
C ALA F 85 -41.16 21.80 12.89
N GLU F 86 -41.04 22.39 11.70
CA GLU F 86 -40.41 21.70 10.58
C GLU F 86 -38.90 21.58 10.72
N ASP F 87 -38.34 22.22 11.75
CA ASP F 87 -36.89 22.20 11.99
C ASP F 87 -36.47 20.95 12.78
N LEU F 88 -37.46 20.20 13.26
CA LEU F 88 -37.22 18.99 14.03
C LEU F 88 -36.40 17.98 13.25
N GLY F 89 -35.45 17.35 13.93
CA GLY F 89 -34.68 16.28 13.31
C GLY F 89 -33.30 16.29 13.90
N VAL F 90 -32.39 15.60 13.23
CA VAL F 90 -31.00 15.53 13.70
C VAL F 90 -30.11 16.31 12.74
N TYR F 91 -29.30 17.19 13.30
CA TYR F 91 -28.39 18.05 12.52
C TYR F 91 -26.98 17.48 12.57
N TYR F 92 -26.34 17.38 11.40
CA TYR F 92 -24.98 16.83 11.32
C TYR F 92 -24.06 17.86 10.68
N CYS F 93 -22.95 18.16 11.34
CA CYS F 93 -21.90 18.88 10.62
C CYS F 93 -21.07 17.88 9.82
N PHE F 94 -20.22 18.39 8.94
CA PHE F 94 -19.47 17.53 8.02
C PHE F 94 -18.23 18.30 7.59
N GLN F 95 -17.09 17.63 7.51
CA GLN F 95 -15.91 18.26 6.90
C GLN F 95 -15.54 17.58 5.59
N GLY F 96 -15.40 18.40 4.54
CA GLY F 96 -15.01 17.90 3.23
C GLY F 96 -13.67 18.47 2.80
N SER F 97 -12.78 18.72 3.76
CA SER F 97 -11.45 19.27 3.44
C SER F 97 -10.37 18.20 3.39
N HIS F 98 -10.45 17.26 4.33
CA HIS F 98 -9.39 16.27 4.50
C HIS F 98 -9.92 14.90 4.26
N VAL F 99 -9.31 14.21 3.31
CA VAL F 99 -9.70 12.85 2.96
C VAL F 99 -9.23 11.85 4.03
N PRO F 100 -10.11 10.93 4.50
CA PRO F 100 -11.52 10.78 4.13
C PRO F 100 -12.42 11.78 4.84
N PHE F 101 -13.43 12.24 4.11
CA PHE F 101 -14.39 13.20 4.64
C PHE F 101 -15.19 12.55 5.77
N THR F 102 -15.63 13.35 6.73
CA THR F 102 -16.26 12.80 7.95
C THR F 102 -17.45 13.63 8.42
N PHE F 103 -18.47 12.93 8.95
CA PHE F 103 -19.61 13.56 9.60
C PHE F 103 -19.38 13.70 11.10
N GLY F 104 -19.94 14.76 11.65
CA GLY F 104 -20.09 14.91 13.09
C GLY F 104 -21.10 13.91 13.63
N SER F 105 -21.21 13.88 14.96
N SER F 105 -21.21 13.83 14.95
CA SER F 105 -21.96 12.86 15.69
CA SER F 105 -22.02 12.76 15.53
C SER F 105 -23.47 13.13 15.83
C SER F 105 -23.52 13.04 15.58
N GLY F 106 -23.91 14.29 15.37
CA GLY F 106 -25.34 14.64 15.38
C GLY F 106 -25.88 15.33 16.62
N THR F 107 -26.78 16.29 16.38
CA THR F 107 -27.49 16.97 17.45
C THR F 107 -28.97 16.94 17.14
N LYS F 108 -29.75 16.40 18.06
CA LYS F 108 -31.18 16.27 17.88
C LYS F 108 -31.89 17.49 18.45
N LEU F 109 -32.62 18.20 17.60
CA LEU F 109 -33.39 19.36 18.02
C LEU F 109 -34.74 18.90 18.48
N GLU F 110 -35.11 19.28 19.69
CA GLU F 110 -36.41 18.94 20.24
C GLU F 110 -37.20 20.20 20.49
N ILE F 111 -38.49 20.18 20.24
CA ILE F 111 -39.29 21.39 20.41
C ILE F 111 -40.10 21.35 21.68
N LYS F 112 -40.05 22.45 22.43
CA LYS F 112 -40.89 22.65 23.60
C LYS F 112 -42.13 23.41 23.15
N ARG F 113 -43.30 22.95 23.56
CA ARG F 113 -44.55 23.57 23.16
C ARG F 113 -45.55 23.45 24.32
N ALA F 114 -46.73 24.02 24.14
CA ALA F 114 -47.79 23.98 25.16
C ALA F 114 -48.25 22.56 25.39
N ASP F 115 -48.61 22.24 26.64
CA ASP F 115 -49.18 20.93 26.94
C ASP F 115 -50.41 20.64 26.07
N ALA F 116 -50.62 19.35 25.77
CA ALA F 116 -51.80 18.89 25.04
C ALA F 116 -52.19 17.51 25.53
N ALA F 117 -53.48 17.32 25.80
CA ALA F 117 -54.00 16.03 26.23
C ALA F 117 -54.14 15.11 25.02
N PRO F 118 -53.95 13.79 25.21
CA PRO F 118 -54.09 12.85 24.10
C PRO F 118 -55.54 12.72 23.62
N THR F 119 -55.70 12.49 22.32
CA THR F 119 -56.97 12.07 21.74
C THR F 119 -56.90 10.54 21.71
N VAL F 120 -57.81 9.91 22.43
CA VAL F 120 -57.73 8.45 22.64
C VAL F 120 -58.84 7.75 21.85
N SER F 121 -58.44 6.73 21.08
CA SER F 121 -59.37 5.94 20.26
C SER F 121 -59.08 4.46 20.45
N ILE F 122 -60.14 3.68 20.61
CA ILE F 122 -60.01 2.23 20.80
C ILE F 122 -60.66 1.50 19.63
N PHE F 123 -60.04 0.40 19.22
CA PHE F 123 -60.53 -0.37 18.07
C PHE F 123 -60.61 -1.84 18.40
N PRO F 124 -61.80 -2.42 18.24
CA PRO F 124 -61.96 -3.86 18.41
C PRO F 124 -61.20 -4.58 17.30
N PRO F 125 -60.94 -5.89 17.48
CA PRO F 125 -60.31 -6.68 16.43
C PRO F 125 -61.16 -6.58 15.17
N SER F 126 -60.50 -6.55 14.02
CA SER F 126 -61.22 -6.61 12.74
C SER F 126 -61.79 -8.01 12.54
N SER F 127 -62.91 -8.10 11.82
CA SER F 127 -63.49 -9.40 11.51
C SER F 127 -62.49 -10.23 10.71
N GLU F 128 -61.69 -9.54 9.88
CA GLU F 128 -60.65 -10.18 9.06
C GLU F 128 -59.65 -10.95 9.94
N GLN F 129 -59.16 -10.32 11.01
CA GLN F 129 -58.21 -10.94 11.91
C GLN F 129 -58.83 -12.10 12.70
N LEU F 130 -60.07 -11.91 13.13
CA LEU F 130 -60.75 -12.94 13.90
C LEU F 130 -60.92 -14.23 13.10
N THR F 131 -61.20 -14.09 11.80
CA THR F 131 -61.37 -15.23 10.91
C THR F 131 -60.10 -16.10 10.87
N SER F 132 -58.94 -15.48 11.04
CA SER F 132 -57.69 -16.23 11.00
C SER F 132 -57.20 -16.66 12.39
N GLY F 133 -57.96 -16.35 13.44
CA GLY F 133 -57.71 -16.91 14.76
C GLY F 133 -57.13 -16.00 15.81
N GLY F 134 -56.82 -14.76 15.43
CA GLY F 134 -56.20 -13.78 16.33
C GLY F 134 -57.13 -12.64 16.69
N ALA F 135 -56.77 -11.89 17.71
CA ALA F 135 -57.59 -10.78 18.18
C ALA F 135 -56.73 -9.71 18.83
N SER F 136 -56.42 -8.67 18.05
CA SER F 136 -55.67 -7.53 18.55
C SER F 136 -56.63 -6.39 18.80
N VAL F 137 -56.54 -5.82 20.00
CA VAL F 137 -57.28 -4.62 20.37
C VAL F 137 -56.29 -3.47 20.35
N VAL F 138 -56.65 -2.39 19.64
CA VAL F 138 -55.71 -1.30 19.40
C VAL F 138 -56.21 -0.01 20.01
N CYS F 139 -55.31 0.69 20.69
N CYS F 139 -55.30 0.64 20.71
CA CYS F 139 -55.64 1.98 21.29
CA CYS F 139 -55.54 1.98 21.21
C CYS F 139 -54.62 3.05 20.90
C CYS F 139 -54.56 2.94 20.60
N PHE F 140 -55.08 4.10 20.21
CA PHE F 140 -54.23 5.21 19.79
C PHE F 140 -54.37 6.32 20.80
N LEU F 141 -53.23 6.89 21.20
CA LEU F 141 -53.18 8.03 22.10
C LEU F 141 -52.44 9.11 21.34
N ASN F 142 -53.19 10.01 20.73
CA ASN F 142 -52.63 10.87 19.68
C ASN F 142 -52.53 12.33 20.04
N ASN F 143 -51.42 12.93 19.57
CA ASN F 143 -51.19 14.38 19.62
C ASN F 143 -51.17 14.98 21.01
N PHE F 144 -50.34 14.41 21.87
CA PHE F 144 -50.20 14.89 23.24
C PHE F 144 -48.82 15.50 23.50
N TYR F 145 -48.73 16.27 24.58
CA TYR F 145 -47.45 16.86 25.00
C TYR F 145 -47.61 17.19 26.47
N PRO F 146 -46.60 16.88 27.31
CA PRO F 146 -45.27 16.33 26.99
C PRO F 146 -45.22 14.82 26.69
N LYS F 147 -44.02 14.32 26.42
CA LYS F 147 -43.85 12.98 25.87
C LYS F 147 -44.23 11.82 26.82
N ASP F 148 -44.08 12.02 28.12
CA ASP F 148 -44.37 10.95 29.08
C ASP F 148 -45.86 10.61 29.14
N ILE F 149 -46.18 9.34 28.93
CA ILE F 149 -47.56 8.88 28.99
C ILE F 149 -47.58 7.43 29.47
N ASN F 150 -48.71 7.02 30.02
CA ASN F 150 -48.88 5.64 30.45
C ASN F 150 -50.25 5.12 30.06
N VAL F 151 -50.29 3.85 29.68
CA VAL F 151 -51.51 3.20 29.27
C VAL F 151 -51.71 1.96 30.13
N LYS F 152 -52.95 1.75 30.52
CA LYS F 152 -53.33 0.57 31.26
C LYS F 152 -54.52 -0.06 30.57
N TRP F 153 -54.45 -1.37 30.36
CA TRP F 153 -55.55 -2.12 29.78
C TRP F 153 -56.34 -2.78 30.85
N LYS F 154 -57.65 -2.86 30.64
CA LYS F 154 -58.53 -3.61 31.52
C LYS F 154 -59.45 -4.49 30.69
N ILE F 155 -59.72 -5.68 31.20
CA ILE F 155 -60.66 -6.60 30.58
C ILE F 155 -61.66 -7.00 31.66
N ASP F 156 -62.93 -6.68 31.43
CA ASP F 156 -63.99 -6.88 32.43
C ASP F 156 -63.60 -6.30 33.80
N GLY F 157 -63.00 -5.11 33.77
CA GLY F 157 -62.62 -4.39 34.99
C GLY F 157 -61.28 -4.76 35.58
N SER F 158 -60.74 -5.90 35.15
CA SER F 158 -59.48 -6.41 35.67
C SER F 158 -58.30 -5.94 34.81
N GLU F 159 -57.27 -5.39 35.46
CA GLU F 159 -56.06 -4.93 34.77
C GLU F 159 -55.37 -6.07 34.01
N ARG F 160 -54.97 -5.84 32.76
CA ARG F 160 -54.20 -6.84 32.03
C ARG F 160 -52.81 -6.37 31.64
N GLN F 161 -51.82 -7.20 31.94
CA GLN F 161 -50.40 -6.90 31.71
C GLN F 161 -49.87 -7.57 30.44
N ASN F 162 -50.16 -8.87 30.29
CA ASN F 162 -49.57 -9.69 29.24
C ASN F 162 -50.17 -9.45 27.87
N GLY F 163 -49.31 -9.47 26.86
CA GLY F 163 -49.73 -9.41 25.46
C GLY F 163 -49.86 -7.99 24.92
N VAL F 164 -49.31 -7.03 25.65
CA VAL F 164 -49.39 -5.62 25.26
C VAL F 164 -48.07 -5.21 24.58
N LEU F 165 -48.18 -4.57 23.43
CA LEU F 165 -47.01 -3.96 22.80
C LEU F 165 -47.26 -2.50 22.50
N ASN F 166 -46.28 -1.66 22.85
CA ASN F 166 -46.41 -0.23 22.73
C ASN F 166 -45.40 0.35 21.74
N SER F 167 -45.79 1.44 21.09
CA SER F 167 -44.89 2.13 20.18
C SER F 167 -45.15 3.62 20.25
N TRP F 168 -44.06 4.39 20.21
CA TRP F 168 -44.14 5.85 20.34
C TRP F 168 -43.56 6.49 19.12
N THR F 169 -44.24 7.50 18.59
CA THR F 169 -43.72 8.26 17.46
C THR F 169 -42.62 9.24 17.86
N ASP F 170 -41.84 9.64 16.85
CA ASP F 170 -40.98 10.79 16.95
C ASP F 170 -41.88 12.02 17.02
N GLN F 171 -41.35 13.11 17.57
CA GLN F 171 -42.08 14.37 17.65
C GLN F 171 -42.61 14.80 16.27
N ASP F 172 -43.88 15.22 16.22
CA ASP F 172 -44.55 15.50 14.95
C ASP F 172 -43.97 16.75 14.28
N SER F 173 -43.75 16.68 12.97
CA SER F 173 -43.13 17.78 12.23
CA SER F 173 -43.14 17.77 12.20
C SER F 173 -44.07 18.95 11.96
N LYS F 174 -45.36 18.76 12.24
CA LYS F 174 -46.34 19.84 12.05
C LYS F 174 -46.74 20.53 13.33
N ASP F 175 -47.03 19.75 14.37
CA ASP F 175 -47.53 20.34 15.61
C ASP F 175 -46.68 20.06 16.86
N SER F 176 -45.54 19.42 16.67
CA SER F 176 -44.55 19.17 17.74
C SER F 176 -45.09 18.29 18.88
N THR F 177 -46.16 17.53 18.63
CA THR F 177 -46.70 16.63 19.65
C THR F 177 -46.14 15.22 19.50
N TYR F 178 -46.54 14.35 20.42
CA TYR F 178 -46.19 12.94 20.40
C TYR F 178 -47.45 12.10 20.30
N SER F 179 -47.28 10.87 19.83
CA SER F 179 -48.39 9.91 19.80
C SER F 179 -47.88 8.56 20.23
N MET F 180 -48.80 7.70 20.68
CA MET F 180 -48.44 6.36 21.11
C MET F 180 -49.52 5.40 20.67
N SER F 181 -49.11 4.20 20.25
N SER F 181 -49.10 4.18 20.30
CA SER F 181 -50.06 3.14 20.03
CA SER F 181 -50.02 3.11 19.96
C SER F 181 -49.86 2.09 21.10
C SER F 181 -49.85 1.96 20.94
N SER F 182 -50.96 1.43 21.47
CA SER F 182 -50.90 0.30 22.38
C SER F 182 -51.77 -0.80 21.78
N THR F 183 -51.18 -1.99 21.62
CA THR F 183 -51.89 -3.11 21.01
C THR F 183 -51.89 -4.30 21.95
N LEU F 184 -53.09 -4.75 22.30
CA LEU F 184 -53.27 -5.92 23.15
C LEU F 184 -53.63 -7.09 22.24
N THR F 185 -52.77 -8.09 22.19
CA THR F 185 -52.97 -9.24 21.30
C THR F 185 -53.35 -10.49 22.06
N LEU F 186 -54.53 -11.00 21.73
CA LEU F 186 -55.03 -12.25 22.32
C LEU F 186 -55.33 -13.25 21.20
N THR F 187 -55.60 -14.49 21.59
CA THR F 187 -56.20 -15.46 20.67
C THR F 187 -57.69 -15.11 20.56
N LYS F 188 -58.30 -15.50 19.44
CA LYS F 188 -59.74 -15.33 19.25
C LYS F 188 -60.53 -15.94 20.41
N ASP F 189 -60.12 -17.12 20.85
CA ASP F 189 -60.78 -17.84 21.94
C ASP F 189 -60.73 -17.08 23.26
N GLU F 190 -59.56 -16.54 23.59
CA GLU F 190 -59.39 -15.70 24.78
C GLU F 190 -60.23 -14.42 24.69
N TYR F 191 -60.22 -13.80 23.52
CA TYR F 191 -60.99 -12.56 23.29
C TYR F 191 -62.49 -12.77 23.52
N GLU F 192 -63.00 -13.91 23.04
CA GLU F 192 -64.43 -14.21 23.15
C GLU F 192 -64.84 -14.77 24.52
N ARG F 193 -63.90 -14.85 25.46
CA ARG F 193 -64.20 -15.25 26.84
C ARG F 193 -64.64 -14.05 27.69
N HIS F 194 -64.41 -12.84 27.19
CA HIS F 194 -64.66 -11.61 27.95
C HIS F 194 -65.44 -10.60 27.18
N ASN F 195 -66.04 -9.65 27.89
CA ASN F 195 -66.99 -8.71 27.29
C ASN F 195 -66.45 -7.28 27.14
N SER F 196 -65.98 -6.71 28.23
CA SER F 196 -65.56 -5.31 28.27
C SER F 196 -64.05 -5.14 28.09
N TYR F 197 -63.66 -4.31 27.12
CA TYR F 197 -62.26 -3.97 26.88
C TYR F 197 -62.04 -2.48 27.04
N THR F 198 -61.01 -2.11 27.80
CA THR F 198 -60.80 -0.72 28.19
C THR F 198 -59.34 -0.30 28.09
N CYS F 199 -59.06 0.83 27.44
N CYS F 199 -59.19 0.90 27.54
CA CYS F 199 -57.71 1.42 27.51
CA CYS F 199 -57.96 1.64 27.43
C CYS F 199 -57.78 2.78 28.20
C CYS F 199 -58.01 2.74 28.46
N GLU F 200 -56.94 2.93 29.22
CA GLU F 200 -56.89 4.10 30.11
C GLU F 200 -55.58 4.85 29.90
N ALA F 201 -55.67 6.12 29.51
CA ALA F 201 -54.51 6.96 29.26
C ALA F 201 -54.22 7.90 30.44
N THR F 202 -53.04 7.77 31.05
CA THR F 202 -52.63 8.67 32.13
C THR F 202 -51.58 9.66 31.61
N HIS F 203 -51.89 10.95 31.77
CA HIS F 203 -51.04 12.02 31.25
C HIS F 203 -51.13 13.20 32.18
N LYS F 204 -50.05 13.98 32.28
N LYS F 204 -50.04 13.97 32.27
CA LYS F 204 -50.00 15.09 33.25
CA LYS F 204 -49.96 15.12 33.20
C LYS F 204 -51.08 16.15 33.05
C LYS F 204 -51.10 16.12 33.06
N THR F 205 -51.68 16.18 31.86
CA THR F 205 -52.75 17.14 31.52
C THR F 205 -54.09 16.95 32.26
N SER F 206 -54.29 15.76 32.81
N SER F 206 -54.29 15.76 32.81
CA SER F 206 -55.48 15.54 33.63
CA SER F 206 -55.49 15.53 33.62
C SER F 206 -55.19 14.66 34.85
C SER F 206 -55.19 14.67 34.85
N THR F 207 -55.86 14.96 35.95
CA THR F 207 -55.67 14.19 37.20
C THR F 207 -56.18 12.76 37.01
N SER F 208 -57.33 12.64 36.37
CA SER F 208 -57.98 11.36 36.10
C SER F 208 -57.70 10.93 34.66
N PRO F 209 -57.57 9.61 34.44
CA PRO F 209 -57.21 9.14 33.09
C PRO F 209 -58.32 9.35 32.08
N ILE F 210 -57.96 9.38 30.79
CA ILE F 210 -58.94 9.32 29.72
C ILE F 210 -59.22 7.84 29.47
N VAL F 211 -60.50 7.48 29.53
CA VAL F 211 -60.94 6.09 29.43
C VAL F 211 -61.78 5.87 28.17
N LYS F 212 -61.33 4.96 27.31
CA LYS F 212 -62.12 4.52 26.14
C LYS F 212 -62.39 3.03 26.23
N SER F 213 -63.62 2.64 25.93
N SER F 213 -63.64 2.65 25.95
CA SER F 213 -64.07 1.27 26.14
CA SER F 213 -64.11 1.29 26.12
C SER F 213 -65.12 0.82 25.13
C SER F 213 -64.97 0.84 24.95
N PHE F 214 -65.14 -0.48 24.82
CA PHE F 214 -66.20 -1.07 24.02
C PHE F 214 -66.63 -2.40 24.63
N ASN F 215 -67.84 -2.84 24.29
CA ASN F 215 -68.29 -4.15 24.66
C ASN F 215 -68.34 -5.06 23.45
N ARG F 216 -67.76 -6.24 23.59
CA ARG F 216 -67.74 -7.24 22.53
C ARG F 216 -69.17 -7.65 22.16
N ASN F 217 -70.03 -7.78 23.17
CA ASN F 217 -71.45 -8.09 22.98
C ASN F 217 -72.29 -6.97 22.37
N GLU F 218 -71.62 -6.01 21.72
CA GLU F 218 -72.30 -4.90 21.04
C GLU F 218 -71.85 -4.78 19.59
#